data_4L02
#
_entry.id   4L02
#
_cell.length_a   102.575
_cell.length_b   225.684
_cell.length_c   106.411
_cell.angle_alpha   90.00
_cell.angle_beta   90.00
_cell.angle_gamma   90.00
#
_symmetry.space_group_name_H-M   'C 2 2 21'
#
loop_
_entity.id
_entity.type
_entity.pdbx_description
1 polymer 'Sphingosine kinase 1'
2 non-polymer (2R,4S)-1-[2-(4-{[4-(3,4-dichlorophenyl)-1,3-thiazol-2-yl]amino}phenyl)ethyl]-2-(hydroxymethyl)piperidin-4-ol
3 water water
#
_entity_poly.entity_id   1
_entity_poly.type   'polypeptide(L)'
_entity_poly.pdbx_seq_one_letter_code
;MSYYHHHHHHDYDIPTTENLYFQGAMGSGVLPRPCRVLVLLNPRGGKGKALQLFRSHVQPLLAEAEISFTLMLTERRNHA
RELVRSEELGRWDALVVMSGDGLMHEVVNGLMERPDWETAIQKPLCSLPAGSGNALAASLNHYAGYEQVTNEDLLTNCTL
LLCRRLLSPMNLLSLHTASGLRLFSVLSLAWGFIADVDLESEKYRRLGEMRFTLGTFLRLAALRTYRGRLAYLPVGRVGS
KTPASPVVVQQGPVDAHLVPLEEPVPSHWTVVPDEDFVLVLALLHSHLGSEMFAAPMGRCAAGVMHLFYVRAGVSRAMLL
RLFLAMEKGRHMEYECPYLVYVPVVAFRLEPKDGKGVFAVDGELMVSEAVQGQVHPNYFWMVSG
;
_entity_poly.pdbx_strand_id   A,B,C
#
loop_
_chem_comp.id
_chem_comp.type
_chem_comp.name
_chem_comp.formula
1V2 non-polymer (2R,4S)-1-[2-(4-{[4-(3,4-dichlorophenyl)-1,3-thiazol-2-yl]amino}phenyl)ethyl]-2-(hydroxymethyl)piperidin-4-ol 'C23 H25 Cl2 N3 O2 S'
#
# COMPACT_ATOMS: atom_id res chain seq x y z
N ALA A 25 -20.79 -27.02 -1.90
CA ALA A 25 -21.55 -27.47 -3.09
C ALA A 25 -21.90 -28.95 -2.99
N MET A 26 -22.54 -29.48 -4.04
CA MET A 26 -22.76 -30.92 -4.15
C MET A 26 -21.95 -31.46 -5.32
N GLY A 27 -21.17 -32.51 -5.06
CA GLY A 27 -20.30 -33.10 -6.07
C GLY A 27 -21.05 -33.83 -7.17
N SER A 28 -20.54 -33.70 -8.39
CA SER A 28 -21.05 -34.44 -9.54
C SER A 28 -20.05 -35.48 -10.04
N GLY A 29 -18.89 -35.53 -9.37
CA GLY A 29 -17.85 -36.51 -9.64
C GLY A 29 -16.92 -36.55 -8.44
N VAL A 30 -15.96 -37.47 -8.48
CA VAL A 30 -14.98 -37.60 -7.39
C VAL A 30 -13.66 -38.18 -7.95
N LEU A 31 -12.54 -37.58 -7.53
CA LEU A 31 -11.22 -38.09 -7.90
C LEU A 31 -10.95 -39.41 -7.16
N PRO A 32 -10.22 -40.34 -7.81
CA PRO A 32 -9.92 -41.64 -7.18
C PRO A 32 -8.94 -41.52 -6.01
N ARG A 33 -8.98 -42.50 -5.10
CA ARG A 33 -8.00 -42.57 -4.02
C ARG A 33 -7.28 -43.91 -4.08
N PRO A 34 -5.94 -43.88 -4.21
CA PRO A 34 -5.12 -42.68 -4.34
C PRO A 34 -5.19 -42.07 -5.74
N CYS A 35 -4.61 -40.88 -5.89
CA CYS A 35 -4.51 -40.23 -7.20
C CYS A 35 -3.21 -39.43 -7.32
N ARG A 36 -2.77 -39.22 -8.56
CA ARG A 36 -1.59 -38.39 -8.81
C ARG A 36 -1.99 -37.13 -9.59
N VAL A 37 -1.47 -36.00 -9.14
CA VAL A 37 -1.81 -34.71 -9.73
C VAL A 37 -0.58 -33.97 -10.23
N LEU A 38 -0.74 -33.21 -11.31
CA LEU A 38 0.32 -32.31 -11.75
C LEU A 38 0.13 -30.95 -11.09
N VAL A 39 1.11 -30.51 -10.32
CA VAL A 39 1.06 -29.16 -9.74
C VAL A 39 1.83 -28.19 -10.61
N LEU A 40 1.10 -27.26 -11.22
CA LEU A 40 1.69 -26.18 -11.99
C LEU A 40 1.78 -24.95 -11.10
N LEU A 41 3.01 -24.56 -10.78
CA LEU A 41 3.26 -23.49 -9.81
C LEU A 41 4.08 -22.35 -10.41
N ASN A 42 3.69 -21.12 -10.08
CA ASN A 42 4.44 -19.93 -10.43
C ASN A 42 5.22 -19.45 -9.21
N PRO A 43 6.56 -19.61 -9.23
CA PRO A 43 7.40 -19.25 -8.08
C PRO A 43 7.46 -17.75 -7.83
N ARG A 44 7.13 -16.94 -8.84
CA ARG A 44 7.07 -15.48 -8.70
C ARG A 44 5.78 -14.98 -8.05
N GLY A 45 4.74 -15.81 -8.08
CA GLY A 45 3.46 -15.49 -7.46
C GLY A 45 3.52 -15.51 -5.95
N GLY A 46 2.61 -14.78 -5.30
CA GLY A 46 2.57 -14.66 -3.85
C GLY A 46 3.82 -14.03 -3.28
N LYS A 47 4.21 -12.89 -3.88
CA LYS A 47 5.45 -12.16 -3.55
C LYS A 47 6.69 -13.07 -3.55
N GLY A 48 6.72 -14.03 -4.49
CA GLY A 48 7.84 -14.96 -4.63
C GLY A 48 7.97 -15.98 -3.52
N LYS A 49 6.83 -16.37 -2.95
CA LYS A 49 6.80 -17.32 -1.83
C LYS A 49 5.85 -18.50 -2.05
N ALA A 50 5.36 -18.63 -3.28
CA ALA A 50 4.44 -19.70 -3.65
C ALA A 50 4.99 -21.10 -3.38
N LEU A 51 6.26 -21.32 -3.73
CA LEU A 51 6.93 -22.60 -3.47
C LEU A 51 7.02 -22.88 -1.97
N GLN A 52 7.43 -21.86 -1.21
CA GLN A 52 7.51 -21.95 0.25
C GLN A 52 6.14 -22.29 0.85
N LEU A 53 5.10 -21.62 0.35
CA LEU A 53 3.72 -21.84 0.81
C LEU A 53 3.20 -23.22 0.46
N PHE A 54 3.56 -23.74 -0.70
CA PHE A 54 3.16 -25.08 -1.11
C PHE A 54 3.73 -26.13 -0.15
N ARG A 55 5.00 -25.95 0.21
CA ARG A 55 5.70 -26.91 1.05
CA ARG A 55 5.70 -26.92 1.06
C ARG A 55 5.13 -26.97 2.47
N SER A 56 4.72 -25.80 2.99
CA SER A 56 4.19 -25.70 4.34
C SER A 56 2.67 -25.92 4.46
N HIS A 57 1.91 -25.35 3.53
CA HIS A 57 0.44 -25.37 3.65
C HIS A 57 -0.29 -26.37 2.73
N VAL A 58 0.41 -26.92 1.74
CA VAL A 58 -0.22 -27.82 0.78
C VAL A 58 0.33 -29.24 0.86
N GLN A 59 1.67 -29.37 0.81
CA GLN A 59 2.34 -30.68 0.76
C GLN A 59 1.94 -31.68 1.86
N PRO A 60 1.99 -31.27 3.15
CA PRO A 60 1.63 -32.21 4.22
C PRO A 60 0.18 -32.71 4.16
N LEU A 61 -0.73 -31.91 3.62
CA LEU A 61 -2.13 -32.31 3.47
C LEU A 61 -2.31 -33.34 2.36
N LEU A 62 -1.51 -33.24 1.30
CA LEU A 62 -1.57 -34.17 0.19
C LEU A 62 -1.01 -35.53 0.57
N ALA A 63 -0.04 -35.53 1.48
CA ALA A 63 0.57 -36.76 1.99
C ALA A 63 -0.43 -37.58 2.82
N GLU A 64 -1.24 -36.89 3.63
CA GLU A 64 -2.27 -37.54 4.43
C GLU A 64 -3.47 -38.00 3.58
N ALA A 65 -3.67 -37.36 2.44
CA ALA A 65 -4.80 -37.66 1.57
C ALA A 65 -4.46 -38.66 0.45
N GLU A 66 -3.25 -39.22 0.53
CA GLU A 66 -2.72 -40.14 -0.50
C GLU A 66 -2.77 -39.52 -1.89
N ILE A 67 -2.34 -38.27 -1.99
CA ILE A 67 -2.25 -37.59 -3.28
C ILE A 67 -0.79 -37.45 -3.67
N SER A 68 -0.42 -38.09 -4.78
CA SER A 68 0.91 -37.94 -5.34
C SER A 68 0.95 -36.70 -6.23
N PHE A 69 2.06 -35.99 -6.16
CA PHE A 69 2.21 -34.78 -6.96
C PHE A 69 3.59 -34.70 -7.59
N THR A 70 3.68 -33.98 -8.69
CA THR A 70 4.95 -33.58 -9.26
C THR A 70 4.87 -32.09 -9.59
N LEU A 71 5.83 -31.32 -9.10
CA LEU A 71 5.84 -29.87 -9.28
C LEU A 71 6.50 -29.46 -10.58
N MET A 72 5.81 -28.62 -11.36
CA MET A 72 6.41 -27.98 -12.52
C MET A 72 6.39 -26.47 -12.36
N LEU A 73 7.56 -25.84 -12.45
CA LEU A 73 7.68 -24.40 -12.28
C LEU A 73 7.42 -23.67 -13.60
N THR A 74 6.52 -22.69 -13.54
CA THR A 74 6.16 -21.91 -14.71
C THR A 74 6.19 -20.42 -14.39
N GLU A 75 7.29 -19.77 -14.77
CA GLU A 75 7.39 -18.30 -14.63
C GLU A 75 7.75 -17.58 -15.94
N ARG A 76 6.93 -17.81 -16.95
CA ARG A 76 6.94 -17.06 -18.20
C ARG A 76 5.52 -17.12 -18.75
N ARG A 77 5.10 -16.08 -19.48
CA ARG A 77 3.77 -16.05 -20.08
C ARG A 77 3.64 -17.14 -21.14
N ASN A 78 2.45 -17.75 -21.20
CA ASN A 78 2.13 -18.85 -22.12
C ASN A 78 2.84 -20.17 -21.80
N HIS A 79 3.68 -20.17 -20.78
CA HIS A 79 4.51 -21.33 -20.45
C HIS A 79 3.67 -22.53 -20.00
N ALA A 80 2.80 -22.32 -19.02
CA ALA A 80 1.88 -23.35 -18.59
C ALA A 80 0.85 -23.67 -19.68
N ARG A 81 0.51 -22.67 -20.49
CA ARG A 81 -0.35 -22.86 -21.66
C ARG A 81 0.31 -23.81 -22.67
N GLU A 82 1.60 -23.61 -22.93
CA GLU A 82 2.38 -24.47 -23.81
C GLU A 82 2.47 -25.91 -23.28
N LEU A 83 2.69 -26.04 -21.97
CA LEU A 83 2.81 -27.35 -21.34
C LEU A 83 1.53 -28.17 -21.43
N VAL A 84 0.44 -27.58 -20.93
CA VAL A 84 -0.87 -28.21 -20.93
C VAL A 84 -1.32 -28.60 -22.34
N ARG A 85 -0.97 -27.77 -23.32
CA ARG A 85 -1.27 -28.04 -24.74
C ARG A 85 -0.55 -29.30 -25.24
N SER A 86 0.68 -29.53 -24.77
CA SER A 86 1.50 -30.65 -25.25
C SER A 86 1.48 -31.89 -24.34
N GLU A 87 0.99 -31.70 -23.12
CA GLU A 87 1.04 -32.72 -22.06
C GLU A 87 0.30 -34.01 -22.41
N GLU A 88 0.86 -35.15 -21.98
CA GLU A 88 0.13 -36.40 -21.95
C GLU A 88 -0.77 -36.43 -20.72
N LEU A 89 -2.06 -36.16 -20.93
CA LEU A 89 -3.00 -35.96 -19.84
C LEU A 89 -3.41 -37.25 -19.11
N GLY A 90 -3.26 -38.39 -19.79
CA GLY A 90 -3.54 -39.70 -19.20
C GLY A 90 -2.74 -40.03 -17.95
N ARG A 91 -1.56 -39.43 -17.81
CA ARG A 91 -0.71 -39.59 -16.63
C ARG A 91 -1.40 -39.10 -15.37
N TRP A 92 -2.21 -38.07 -15.52
CA TRP A 92 -2.75 -37.34 -14.37
C TRP A 92 -4.24 -37.57 -14.14
N ASP A 93 -4.63 -37.49 -12.87
CA ASP A 93 -6.04 -37.54 -12.48
C ASP A 93 -6.62 -36.13 -12.38
N ALA A 94 -5.75 -35.17 -12.09
CA ALA A 94 -6.13 -33.76 -11.96
C ALA A 94 -4.93 -32.86 -12.20
N LEU A 95 -5.19 -31.63 -12.64
CA LEU A 95 -4.16 -30.62 -12.77
C LEU A 95 -4.43 -29.56 -11.72
N VAL A 96 -3.52 -29.38 -10.78
CA VAL A 96 -3.69 -28.32 -9.80
C VAL A 96 -2.83 -27.11 -10.19
N VAL A 97 -3.48 -25.96 -10.19
CA VAL A 97 -2.88 -24.71 -10.63
C VAL A 97 -2.66 -23.79 -9.43
N MET A 98 -1.40 -23.49 -9.12
CA MET A 98 -1.09 -22.69 -7.93
C MET A 98 -0.45 -21.35 -8.29
N SER A 99 -1.29 -20.34 -8.41
CA SER A 99 -0.87 -18.95 -8.64
C SER A 99 -2.07 -18.03 -8.50
N GLY A 100 -3.08 -18.23 -9.33
CA GLY A 100 -4.29 -17.41 -9.29
C GLY A 100 -5.15 -17.53 -10.54
N ASP A 101 -5.97 -16.51 -10.75
CA ASP A 101 -6.91 -16.49 -11.87
C ASP A 101 -6.19 -16.43 -13.21
N GLY A 102 -5.05 -15.73 -13.26
CA GLY A 102 -4.22 -15.64 -14.46
C GLY A 102 -3.73 -16.98 -14.97
N LEU A 103 -3.23 -17.82 -14.07
CA LEU A 103 -2.65 -19.11 -14.46
C LEU A 103 -3.71 -20.12 -14.85
N MET A 104 -4.86 -20.09 -14.16
CA MET A 104 -5.99 -20.96 -14.50
C MET A 104 -6.54 -20.60 -15.88
N HIS A 105 -6.57 -19.30 -16.18
CA HIS A 105 -6.90 -18.81 -17.51
C HIS A 105 -5.97 -19.41 -18.57
N GLU A 106 -4.67 -19.45 -18.28
CA GLU A 106 -3.68 -20.04 -19.20
C GLU A 106 -3.91 -21.54 -19.44
N VAL A 107 -4.06 -22.29 -18.35
CA VAL A 107 -4.26 -23.74 -18.40
C VAL A 107 -5.49 -24.10 -19.24
N VAL A 108 -6.61 -23.43 -18.98
CA VAL A 108 -7.87 -23.73 -19.66
C VAL A 108 -7.77 -23.42 -21.17
N ASN A 109 -7.21 -22.26 -21.50
CA ASN A 109 -6.95 -21.91 -22.89
C ASN A 109 -5.97 -22.87 -23.57
N GLY A 110 -4.97 -23.33 -22.82
CA GLY A 110 -4.05 -24.35 -23.30
C GLY A 110 -4.78 -25.63 -23.69
N LEU A 111 -5.71 -26.07 -22.83
CA LEU A 111 -6.52 -27.25 -23.09
C LEU A 111 -7.40 -27.07 -24.33
N MET A 112 -8.03 -25.90 -24.45
CA MET A 112 -8.96 -25.62 -25.55
C MET A 112 -8.27 -25.47 -26.91
N GLU A 113 -6.98 -25.16 -26.89
CA GLU A 113 -6.20 -25.04 -28.13
C GLU A 113 -5.82 -26.40 -28.73
N ARG A 114 -5.93 -27.46 -27.93
CA ARG A 114 -5.59 -28.82 -28.35
C ARG A 114 -6.56 -29.37 -29.41
N PRO A 115 -6.05 -30.23 -30.32
CA PRO A 115 -6.90 -30.93 -31.30
C PRO A 115 -7.90 -31.88 -30.64
N ASP A 116 -7.49 -32.48 -29.52
CA ASP A 116 -8.36 -33.36 -28.72
C ASP A 116 -9.08 -32.60 -27.60
N TRP A 117 -9.32 -31.31 -27.82
CA TRP A 117 -9.89 -30.41 -26.80
C TRP A 117 -11.11 -30.96 -26.06
N GLU A 118 -11.95 -31.72 -26.76
CA GLU A 118 -13.25 -32.13 -26.21
C GLU A 118 -13.13 -33.15 -25.07
N THR A 119 -12.10 -33.99 -25.12
CA THR A 119 -11.78 -34.88 -24.00
C THR A 119 -10.77 -34.21 -23.05
N ALA A 120 -9.89 -33.39 -23.62
CA ALA A 120 -8.85 -32.70 -22.85
C ALA A 120 -9.42 -31.75 -21.80
N ILE A 121 -10.48 -31.04 -22.15
CA ILE A 121 -11.13 -30.09 -21.24
C ILE A 121 -11.85 -30.80 -20.07
N GLN A 122 -11.93 -32.12 -20.13
CA GLN A 122 -12.61 -32.91 -19.11
C GLN A 122 -11.66 -33.36 -18.00
N LYS A 123 -10.38 -32.99 -18.15
CA LYS A 123 -9.39 -33.21 -17.11
C LYS A 123 -9.69 -32.30 -15.91
N PRO A 124 -10.01 -32.91 -14.76
CA PRO A 124 -10.33 -32.14 -13.55
C PRO A 124 -9.25 -31.11 -13.22
N LEU A 125 -9.70 -29.92 -12.80
CA LEU A 125 -8.80 -28.82 -12.50
C LEU A 125 -8.93 -28.40 -11.03
N CYS A 126 -7.88 -27.79 -10.50
CA CYS A 126 -7.88 -27.32 -9.11
C CYS A 126 -7.18 -25.98 -9.01
N SER A 127 -7.83 -25.03 -8.34
CA SER A 127 -7.27 -23.71 -8.14
C SER A 127 -6.78 -23.54 -6.70
N LEU A 128 -5.49 -23.30 -6.53
CA LEU A 128 -4.91 -23.02 -5.22
C LEU A 128 -4.32 -21.61 -5.16
N PRO A 129 -4.84 -20.77 -4.26
CA PRO A 129 -4.52 -19.34 -4.23
C PRO A 129 -3.10 -18.98 -3.79
N ALA A 130 -2.46 -18.09 -4.54
CA ALA A 130 -1.15 -17.55 -4.21
C ALA A 130 -1.11 -16.03 -4.43
N GLY A 131 -1.08 -15.29 -3.33
CA GLY A 131 -1.01 -13.83 -3.39
C GLY A 131 -2.33 -13.19 -3.76
N SER A 132 -2.30 -12.32 -4.78
CA SER A 132 -3.48 -11.58 -5.21
C SER A 132 -4.07 -12.13 -6.50
N GLY A 133 -5.31 -11.76 -6.77
CA GLY A 133 -6.03 -12.23 -7.96
C GLY A 133 -6.41 -13.68 -7.83
N ASN A 134 -7.21 -13.99 -6.80
CA ASN A 134 -7.62 -15.35 -6.49
C ASN A 134 -9.13 -15.50 -6.35
N ALA A 135 -9.87 -14.85 -7.23
CA ALA A 135 -11.33 -14.81 -7.18
C ALA A 135 -11.98 -16.18 -7.39
N LEU A 136 -11.38 -17.00 -8.24
CA LEU A 136 -11.91 -18.33 -8.54
C LEU A 136 -11.81 -19.24 -7.31
N ALA A 137 -10.69 -19.16 -6.60
CA ALA A 137 -10.50 -19.92 -5.36
C ALA A 137 -11.46 -19.45 -4.28
N ALA A 138 -11.61 -18.12 -4.18
CA ALA A 138 -12.53 -17.51 -3.20
C ALA A 138 -13.97 -17.99 -3.40
N SER A 139 -14.38 -18.09 -4.66
CA SER A 139 -15.71 -18.55 -5.04
C SER A 139 -15.92 -20.01 -4.65
N LEU A 140 -14.92 -20.84 -4.93
CA LEU A 140 -14.99 -22.27 -4.60
C LEU A 140 -15.04 -22.48 -3.08
N ASN A 141 -14.23 -21.70 -2.37
CA ASN A 141 -14.27 -21.64 -0.90
C ASN A 141 -15.67 -21.30 -0.37
N HIS A 142 -16.36 -20.39 -1.07
CA HIS A 142 -17.71 -19.98 -0.71
C HIS A 142 -18.75 -21.07 -0.98
N TYR A 143 -18.66 -21.71 -2.14
CA TYR A 143 -19.57 -22.80 -2.49
C TYR A 143 -19.48 -23.93 -1.47
N ALA A 144 -18.26 -24.20 -1.01
CA ALA A 144 -17.97 -25.22 -0.01
C ALA A 144 -18.64 -24.95 1.34
N GLY A 145 -18.97 -23.69 1.59
CA GLY A 145 -19.65 -23.30 2.82
C GLY A 145 -18.76 -22.67 3.87
N TYR A 146 -17.50 -22.39 3.50
CA TYR A 146 -16.56 -21.76 4.40
C TYR A 146 -16.81 -20.27 4.53
N GLU A 147 -16.28 -19.68 5.60
CA GLU A 147 -16.30 -18.25 5.80
C GLU A 147 -15.35 -17.57 4.82
N GLN A 148 -15.56 -16.28 4.58
CA GLN A 148 -14.76 -15.53 3.62
C GLN A 148 -13.35 -15.26 4.17
N VAL A 149 -12.46 -16.22 3.94
CA VAL A 149 -11.07 -16.12 4.43
C VAL A 149 -10.11 -15.75 3.31
N THR A 150 -8.89 -15.34 3.70
CA THR A 150 -7.89 -14.89 2.73
C THR A 150 -6.51 -15.51 3.01
N ASN A 151 -5.59 -15.31 2.06
CA ASN A 151 -4.18 -15.68 2.20
C ASN A 151 -3.94 -17.12 2.66
N GLU A 152 -3.35 -17.27 3.84
CA GLU A 152 -2.98 -18.57 4.41
C GLU A 152 -4.19 -19.48 4.56
N ASP A 153 -5.28 -18.93 5.11
CA ASP A 153 -6.49 -19.69 5.42
C ASP A 153 -7.20 -20.20 4.16
N LEU A 154 -7.21 -19.37 3.12
CA LEU A 154 -7.83 -19.72 1.85
C LEU A 154 -7.08 -20.87 1.17
N LEU A 155 -5.75 -20.79 1.20
CA LEU A 155 -4.90 -21.85 0.64
C LEU A 155 -5.14 -23.18 1.34
N THR A 156 -5.20 -23.16 2.66
CA THR A 156 -5.51 -24.35 3.46
C THR A 156 -6.86 -24.93 3.03
N ASN A 157 -7.88 -24.07 2.98
CA ASN A 157 -9.23 -24.48 2.62
C ASN A 157 -9.33 -25.08 1.22
N CYS A 158 -8.68 -24.44 0.26
CA CYS A 158 -8.69 -24.92 -1.13
C CYS A 158 -7.98 -26.25 -1.27
N THR A 159 -6.97 -26.48 -0.42
CA THR A 159 -6.27 -27.75 -0.39
C THR A 159 -7.18 -28.81 0.23
N LEU A 160 -7.86 -28.44 1.33
CA LEU A 160 -8.78 -29.35 2.00
C LEU A 160 -9.87 -29.84 1.05
N LEU A 161 -10.30 -28.97 0.13
CA LEU A 161 -11.25 -29.34 -0.91
C LEU A 161 -10.66 -30.40 -1.83
N LEU A 162 -9.47 -30.12 -2.35
CA LEU A 162 -8.74 -31.04 -3.23
C LEU A 162 -8.57 -32.41 -2.57
N CYS A 163 -8.22 -32.39 -1.28
CA CYS A 163 -8.06 -33.61 -0.49
C CYS A 163 -9.37 -34.37 -0.33
N ARG A 164 -10.49 -33.64 -0.28
CA ARG A 164 -11.81 -34.28 -0.22
C ARG A 164 -12.35 -34.73 -1.58
N ARG A 165 -11.58 -34.44 -2.63
CA ARG A 165 -11.73 -35.10 -3.95
C ARG A 165 -13.02 -34.84 -4.75
N LEU A 166 -13.92 -34.02 -4.22
CA LEU A 166 -15.22 -33.77 -4.85
C LEU A 166 -15.12 -32.85 -6.06
N LEU A 167 -15.85 -33.20 -7.12
CA LEU A 167 -15.78 -32.50 -8.41
C LEU A 167 -17.10 -31.85 -8.81
N SER A 168 -17.00 -30.73 -9.52
CA SER A 168 -18.18 -30.05 -10.08
C SER A 168 -17.90 -29.48 -11.47
N PRO A 169 -18.90 -29.53 -12.37
CA PRO A 169 -18.74 -28.93 -13.69
C PRO A 169 -18.91 -27.41 -13.63
N MET A 170 -18.14 -26.69 -14.43
CA MET A 170 -18.16 -25.23 -14.41
C MET A 170 -18.46 -24.64 -15.80
N ASN A 171 -19.14 -23.51 -15.82
CA ASN A 171 -19.39 -22.79 -17.05
C ASN A 171 -18.11 -22.20 -17.64
N LEU A 172 -18.08 -22.03 -18.95
CA LEU A 172 -16.91 -21.49 -19.64
C LEU A 172 -17.35 -20.36 -20.55
N LEU A 173 -16.63 -19.25 -20.53
CA LEU A 173 -16.95 -18.11 -21.40
C LEU A 173 -16.09 -18.16 -22.67
N SER A 174 -16.75 -18.20 -23.83
CA SER A 174 -16.04 -18.09 -25.10
C SER A 174 -16.04 -16.63 -25.55
N LEU A 175 -14.84 -16.12 -25.87
CA LEU A 175 -14.71 -14.73 -26.27
C LEU A 175 -14.15 -14.55 -27.68
N HIS A 176 -14.64 -13.50 -28.36
CA HIS A 176 -14.15 -13.12 -29.68
C HIS A 176 -13.77 -11.65 -29.66
N THR A 177 -12.60 -11.33 -30.19
CA THR A 177 -12.15 -9.94 -30.27
C THR A 177 -12.29 -9.40 -31.69
N ALA A 178 -12.12 -8.08 -31.82
CA ALA A 178 -12.26 -7.40 -33.11
C ALA A 178 -11.18 -7.79 -34.11
N SER A 179 -10.03 -8.28 -33.62
CA SER A 179 -8.96 -8.75 -34.49
C SER A 179 -9.17 -10.21 -34.93
N GLY A 180 -10.21 -10.84 -34.40
CA GLY A 180 -10.55 -12.21 -34.77
C GLY A 180 -10.02 -13.26 -33.82
N LEU A 181 -9.34 -12.81 -32.77
CA LEU A 181 -8.82 -13.71 -31.73
C LEU A 181 -9.96 -14.38 -30.97
N ARG A 182 -9.84 -15.70 -30.78
CA ARG A 182 -10.82 -16.47 -30.01
C ARG A 182 -10.15 -17.00 -28.75
N LEU A 183 -10.59 -16.50 -27.60
CA LEU A 183 -10.05 -16.95 -26.32
C LEU A 183 -11.17 -17.33 -25.34
N PHE A 184 -10.79 -17.93 -24.21
CA PHE A 184 -11.75 -18.41 -23.23
C PHE A 184 -11.56 -17.75 -21.87
N SER A 185 -12.63 -17.70 -21.10
CA SER A 185 -12.62 -17.06 -19.78
C SER A 185 -13.27 -17.95 -18.73
N VAL A 186 -12.55 -18.16 -17.64
CA VAL A 186 -13.05 -18.99 -16.53
C VAL A 186 -13.77 -18.18 -15.46
N LEU A 187 -13.52 -16.87 -15.42
CA LEU A 187 -14.02 -16.03 -14.34
C LEU A 187 -14.78 -14.78 -14.80
N SER A 188 -14.13 -13.91 -15.56
CA SER A 188 -14.68 -12.59 -15.84
C SER A 188 -14.12 -11.88 -17.07
N LEU A 189 -14.94 -10.99 -17.62
CA LEU A 189 -14.49 -9.95 -18.53
C LEU A 189 -14.93 -8.60 -17.96
N ALA A 190 -13.96 -7.78 -17.60
CA ALA A 190 -14.23 -6.47 -17.03
C ALA A 190 -13.92 -5.41 -18.06
N TRP A 191 -14.62 -4.28 -17.96
CA TRP A 191 -14.35 -3.12 -18.78
C TRP A 191 -14.72 -1.87 -17.99
N GLY A 192 -13.96 -0.80 -18.22
CA GLY A 192 -14.16 0.45 -17.49
C GLY A 192 -13.36 0.48 -16.20
N PHE A 193 -13.98 1.03 -15.16
CA PHE A 193 -13.35 1.23 -13.85
C PHE A 193 -12.60 0.00 -13.34
N ILE A 194 -13.28 -1.13 -13.33
CA ILE A 194 -12.72 -2.38 -12.80
C ILE A 194 -11.47 -2.79 -13.57
N ALA A 195 -11.57 -2.78 -14.90
CA ALA A 195 -10.45 -3.19 -15.77
C ALA A 195 -9.26 -2.24 -15.64
N ASP A 196 -9.55 -0.94 -15.54
CA ASP A 196 -8.52 0.07 -15.33
C ASP A 196 -7.76 -0.15 -14.02
N VAL A 197 -8.49 -0.43 -12.94
CA VAL A 197 -7.86 -0.68 -11.64
C VAL A 197 -7.04 -1.98 -11.66
N ASP A 198 -7.60 -3.04 -12.25
CA ASP A 198 -6.86 -4.29 -12.47
C ASP A 198 -5.46 -4.05 -13.02
N LEU A 199 -5.37 -3.19 -14.05
CA LEU A 199 -4.11 -2.88 -14.71
C LEU A 199 -3.23 -1.97 -13.86
N GLU A 200 -3.82 -0.89 -13.34
CA GLU A 200 -3.07 0.14 -12.63
C GLU A 200 -2.63 -0.27 -11.22
N SER A 201 -3.27 -1.29 -10.66
CA SER A 201 -2.93 -1.77 -9.33
C SER A 201 -1.75 -2.73 -9.37
N GLU A 202 -1.26 -3.02 -10.57
CA GLU A 202 -0.11 -3.91 -10.76
C GLU A 202 1.14 -3.34 -10.09
N LYS A 203 1.30 -2.02 -10.16
CA LYS A 203 2.44 -1.36 -9.51
C LYS A 203 2.27 -1.25 -7.99
N TYR A 204 1.29 -1.99 -7.46
CA TYR A 204 1.14 -2.17 -6.03
C TYR A 204 1.09 -3.66 -5.69
N ARG A 205 1.59 -4.49 -6.62
CA ARG A 205 1.58 -5.95 -6.51
C ARG A 205 1.92 -6.47 -5.11
N ARG A 206 2.95 -5.88 -4.50
CA ARG A 206 3.47 -6.31 -3.20
C ARG A 206 2.50 -6.10 -2.04
N LEU A 207 1.51 -5.24 -2.23
CA LEU A 207 0.52 -4.94 -1.18
C LEU A 207 -0.52 -6.03 -0.97
N GLY A 208 -0.56 -7.02 -1.86
CA GLY A 208 -1.54 -8.09 -1.76
C GLY A 208 -2.90 -7.66 -2.29
N GLU A 209 -3.95 -8.23 -1.70
CA GLU A 209 -5.33 -8.03 -2.17
C GLU A 209 -5.82 -6.57 -2.04
N MET A 210 -5.19 -5.82 -1.14
CA MET A 210 -5.60 -4.44 -0.85
C MET A 210 -5.27 -3.45 -1.98
N ARG A 211 -4.47 -3.88 -2.95
CA ARG A 211 -4.11 -3.04 -4.09
C ARG A 211 -5.32 -2.59 -4.91
N PHE A 212 -6.36 -3.43 -4.92
CA PHE A 212 -7.60 -3.12 -5.63
C PHE A 212 -8.39 -2.04 -4.90
N THR A 213 -8.26 -2.01 -3.57
CA THR A 213 -8.91 -1.00 -2.74
C THR A 213 -8.25 0.36 -2.94
N LEU A 214 -6.91 0.37 -2.92
CA LEU A 214 -6.13 1.59 -3.14
C LEU A 214 -6.30 2.12 -4.55
N GLY A 215 -6.26 1.21 -5.53
CA GLY A 215 -6.48 1.56 -6.94
C GLY A 215 -7.86 2.15 -7.18
N THR A 216 -8.85 1.56 -6.50
CA THR A 216 -10.23 2.05 -6.54
C THR A 216 -10.34 3.46 -5.97
N PHE A 217 -9.71 3.70 -4.82
CA PHE A 217 -9.76 5.01 -4.16
C PHE A 217 -9.09 6.08 -5.02
N LEU A 218 -8.05 5.69 -5.74
CA LEU A 218 -7.35 6.60 -6.66
C LEU A 218 -8.18 6.94 -7.88
N ARG A 219 -8.67 5.91 -8.58
CA ARG A 219 -9.51 6.11 -9.77
C ARG A 219 -10.83 6.79 -9.45
N LEU A 220 -11.27 6.68 -8.20
CA LEU A 220 -12.50 7.33 -7.75
C LEU A 220 -12.29 8.84 -7.69
N ALA A 221 -11.16 9.26 -7.12
CA ALA A 221 -10.81 10.67 -7.02
C ALA A 221 -10.66 11.29 -8.41
N ALA A 222 -9.93 10.59 -9.27
CA ALA A 222 -9.79 10.99 -10.67
C ALA A 222 -10.77 10.19 -11.55
N LEU A 223 -12.06 10.36 -11.27
CA LEU A 223 -13.12 9.57 -11.90
C LEU A 223 -13.30 9.88 -13.37
N ARG A 224 -13.41 8.83 -14.18
CA ARG A 224 -13.75 8.98 -15.59
C ARG A 224 -14.88 8.04 -16.02
N THR A 225 -15.55 8.40 -17.10
CA THR A 225 -16.59 7.55 -17.67
C THR A 225 -16.13 6.98 -19.01
N TYR A 226 -16.82 5.94 -19.47
CA TYR A 226 -16.42 5.21 -20.67
C TYR A 226 -17.58 5.14 -21.66
N ARG A 227 -17.38 5.72 -22.84
CA ARG A 227 -18.39 5.67 -23.89
C ARG A 227 -18.26 4.37 -24.68
N GLY A 228 -19.38 3.68 -24.84
CA GLY A 228 -19.43 2.40 -25.55
C GLY A 228 -20.83 1.86 -25.72
N ARG A 229 -20.95 0.75 -26.45
CA ARG A 229 -22.25 0.15 -26.73
C ARG A 229 -22.34 -1.28 -26.20
N LEU A 230 -23.40 -1.55 -25.43
CA LEU A 230 -23.59 -2.84 -24.79
C LEU A 230 -24.86 -3.52 -25.31
N ALA A 231 -24.74 -4.79 -25.67
CA ALA A 231 -25.90 -5.61 -26.00
C ALA A 231 -25.73 -6.97 -25.35
N TYR A 232 -26.84 -7.55 -24.88
CA TYR A 232 -26.81 -8.87 -24.25
C TYR A 232 -28.04 -9.72 -24.58
N LEU A 233 -27.87 -11.04 -24.46
CA LEU A 233 -28.98 -11.97 -24.62
C LEU A 233 -29.35 -12.57 -23.26
N PRO A 234 -30.46 -12.10 -22.67
CA PRO A 234 -30.90 -12.60 -21.36
C PRO A 234 -31.46 -14.02 -21.43
N VAL A 235 -31.45 -14.71 -20.29
CA VAL A 235 -31.86 -16.11 -20.19
C VAL A 235 -33.24 -16.38 -20.80
N GLY A 236 -34.22 -15.59 -20.39
CA GLY A 236 -35.61 -15.76 -20.82
C GLY A 236 -35.89 -15.57 -22.31
N ARG A 237 -34.94 -14.97 -23.03
CA ARG A 237 -35.13 -14.70 -24.45
C ARG A 237 -34.36 -15.63 -25.38
N VAL A 238 -33.85 -16.73 -24.85
CA VAL A 238 -33.23 -17.77 -25.67
C VAL A 238 -34.33 -18.68 -26.21
N GLY A 239 -34.58 -18.59 -27.51
CA GLY A 239 -35.63 -19.39 -28.14
C GLY A 239 -35.11 -20.72 -28.65
N SER A 240 -35.92 -21.36 -29.51
CA SER A 240 -35.53 -22.60 -30.17
C SER A 240 -34.72 -22.32 -31.43
N LYS A 241 -34.69 -21.04 -31.83
CA LYS A 241 -34.07 -20.61 -33.09
C LYS A 241 -32.70 -19.95 -32.89
N THR A 242 -31.77 -20.32 -33.75
CA THR A 242 -30.41 -19.80 -33.78
C THR A 242 -30.21 -18.97 -35.06
N PRO A 243 -29.48 -17.84 -34.98
CA PRO A 243 -29.13 -17.04 -36.15
C PRO A 243 -28.65 -17.88 -37.35
N ALA A 244 -29.06 -17.47 -38.56
CA ALA A 244 -28.82 -18.23 -39.79
C ALA A 244 -27.36 -18.65 -39.99
N SER A 245 -26.47 -17.67 -40.05
CA SER A 245 -25.03 -17.93 -40.15
C SER A 245 -24.27 -17.25 -39.01
N PRO A 246 -23.80 -18.05 -38.03
CA PRO A 246 -23.09 -17.54 -36.87
C PRO A 246 -21.61 -17.29 -37.16
N VAL A 247 -20.85 -16.96 -36.11
CA VAL A 247 -19.39 -16.84 -36.21
C VAL A 247 -18.76 -18.20 -36.52
N VAL A 248 -18.06 -18.27 -37.65
CA VAL A 248 -17.34 -19.50 -38.02
C VAL A 248 -16.03 -19.55 -37.23
N VAL A 249 -15.96 -20.53 -36.33
CA VAL A 249 -14.76 -20.75 -35.51
C VAL A 249 -13.82 -21.75 -36.18
N GLN A 250 -12.52 -21.54 -36.02
CA GLN A 250 -11.51 -22.42 -36.61
C GLN A 250 -11.50 -23.77 -35.91
N GLN A 251 -11.46 -23.75 -34.59
CA GLN A 251 -11.49 -24.95 -33.76
C GLN A 251 -12.28 -24.67 -32.48
N GLY A 252 -12.79 -25.72 -31.86
CA GLY A 252 -13.48 -25.62 -30.58
C GLY A 252 -14.99 -25.73 -30.72
N PRO A 253 -15.73 -25.31 -29.67
CA PRO A 253 -17.19 -25.36 -29.72
C PRO A 253 -17.72 -24.27 -30.63
N VAL A 254 -18.91 -24.49 -31.21
CA VAL A 254 -19.55 -23.44 -32.01
C VAL A 254 -20.39 -22.53 -31.12
N ASP A 255 -20.15 -21.23 -31.26
CA ASP A 255 -20.92 -20.23 -30.52
C ASP A 255 -22.15 -19.91 -31.35
N ALA A 256 -23.23 -20.64 -31.09
CA ALA A 256 -24.45 -20.54 -31.88
C ALA A 256 -25.15 -19.19 -31.72
N HIS A 257 -25.09 -18.63 -30.52
CA HIS A 257 -25.78 -17.37 -30.22
C HIS A 257 -25.10 -16.13 -30.83
N LEU A 258 -23.85 -16.27 -31.26
CA LEU A 258 -23.08 -15.12 -31.73
C LEU A 258 -23.07 -14.98 -33.24
N VAL A 259 -23.12 -13.73 -33.70
CA VAL A 259 -22.98 -13.40 -35.13
C VAL A 259 -21.68 -12.60 -35.29
N PRO A 260 -21.12 -12.53 -36.52
CA PRO A 260 -19.89 -11.76 -36.73
C PRO A 260 -20.02 -10.32 -36.23
N LEU A 261 -18.91 -9.76 -35.76
CA LEU A 261 -18.87 -8.41 -35.19
C LEU A 261 -19.22 -7.32 -36.18
N GLU A 262 -19.05 -7.62 -37.47
CA GLU A 262 -19.40 -6.70 -38.56
C GLU A 262 -20.91 -6.63 -38.74
N GLU A 263 -21.59 -7.71 -38.35
CA GLU A 263 -23.05 -7.79 -38.33
C GLU A 263 -23.60 -7.19 -37.03
N PRO A 264 -24.79 -6.57 -37.10
CA PRO A 264 -25.45 -6.13 -35.87
C PRO A 264 -25.95 -7.33 -35.06
N VAL A 265 -26.17 -7.14 -33.77
CA VAL A 265 -26.73 -8.20 -32.92
C VAL A 265 -28.15 -8.58 -33.37
N PRO A 266 -28.54 -9.85 -33.17
CA PRO A 266 -29.89 -10.31 -33.56
C PRO A 266 -30.97 -9.56 -32.79
N SER A 267 -32.14 -9.42 -33.42
CA SER A 267 -33.19 -8.55 -32.90
C SER A 267 -33.76 -8.94 -31.51
N HIS A 268 -33.60 -10.20 -31.12
CA HIS A 268 -34.08 -10.64 -29.81
C HIS A 268 -33.18 -10.27 -28.62
N TRP A 269 -31.97 -9.79 -28.93
CA TRP A 269 -31.05 -9.26 -27.93
C TRP A 269 -31.55 -7.90 -27.41
N THR A 270 -31.15 -7.57 -26.19
CA THR A 270 -31.45 -6.27 -25.60
C THR A 270 -30.28 -5.33 -25.88
N VAL A 271 -30.53 -4.29 -26.67
CA VAL A 271 -29.52 -3.25 -26.89
C VAL A 271 -29.71 -2.19 -25.81
N VAL A 272 -28.65 -1.98 -25.02
CA VAL A 272 -28.69 -1.01 -23.93
C VAL A 272 -28.70 0.41 -24.53
N PRO A 273 -29.75 1.19 -24.19
CA PRO A 273 -29.90 2.55 -24.72
C PRO A 273 -28.79 3.49 -24.24
N ASP A 274 -28.39 3.34 -22.98
CA ASP A 274 -27.30 4.12 -22.39
C ASP A 274 -25.97 3.77 -23.03
N GLU A 275 -25.13 4.79 -23.23
CA GLU A 275 -23.84 4.60 -23.87
C GLU A 275 -22.69 5.27 -23.10
N ASP A 276 -22.95 5.58 -21.83
CA ASP A 276 -21.97 6.18 -20.96
C ASP A 276 -21.89 5.37 -19.66
N PHE A 277 -20.77 4.68 -19.47
CA PHE A 277 -20.61 3.74 -18.37
C PHE A 277 -19.47 4.11 -17.42
N VAL A 278 -19.53 3.61 -16.19
CA VAL A 278 -18.35 3.65 -15.32
C VAL A 278 -17.70 2.27 -15.25
N LEU A 279 -18.51 1.22 -15.45
CA LEU A 279 -18.02 -0.16 -15.48
C LEU A 279 -19.02 -1.12 -16.13
N VAL A 280 -18.48 -2.19 -16.74
CA VAL A 280 -19.27 -3.31 -17.25
C VAL A 280 -18.56 -4.61 -16.88
N LEU A 281 -19.28 -5.53 -16.24
CA LEU A 281 -18.71 -6.79 -15.79
C LEU A 281 -19.54 -8.02 -16.14
N ALA A 282 -18.92 -8.95 -16.87
CA ALA A 282 -19.48 -10.28 -17.08
C ALA A 282 -18.76 -11.24 -16.13
N LEU A 283 -19.52 -11.90 -15.26
CA LEU A 283 -18.94 -12.69 -14.18
C LEU A 283 -19.62 -14.06 -14.02
N LEU A 284 -18.80 -15.12 -13.99
CA LEU A 284 -19.32 -16.49 -13.97
C LEU A 284 -19.48 -17.04 -12.56
N HIS A 285 -18.92 -16.35 -11.58
CA HIS A 285 -18.91 -16.87 -10.21
C HIS A 285 -19.41 -15.86 -9.18
N SER A 286 -19.32 -16.25 -7.91
CA SER A 286 -19.81 -15.44 -6.80
C SER A 286 -18.88 -14.28 -6.46
N HIS A 287 -17.57 -14.51 -6.55
CA HIS A 287 -16.59 -13.54 -6.08
C HIS A 287 -15.74 -12.88 -7.17
N LEU A 288 -15.38 -11.62 -6.93
CA LEU A 288 -14.42 -10.89 -7.75
C LEU A 288 -13.03 -10.91 -7.13
N GLY A 289 -12.95 -11.36 -5.88
CA GLY A 289 -11.69 -11.45 -5.15
C GLY A 289 -11.97 -12.15 -3.84
N SER A 290 -10.93 -12.39 -3.05
CA SER A 290 -11.07 -13.08 -1.76
C SER A 290 -11.98 -12.33 -0.80
N GLU A 291 -12.05 -11.01 -0.94
CA GLU A 291 -12.88 -10.18 -0.07
C GLU A 291 -13.90 -9.34 -0.85
N MET A 292 -14.30 -9.83 -2.02
CA MET A 292 -15.28 -9.15 -2.86
C MET A 292 -16.39 -10.11 -3.29
N PHE A 293 -17.46 -10.14 -2.50
CA PHE A 293 -18.62 -10.99 -2.75
C PHE A 293 -19.58 -10.26 -3.69
N ALA A 294 -19.28 -10.32 -4.99
CA ALA A 294 -19.98 -9.52 -6.00
C ALA A 294 -21.35 -10.06 -6.40
N ALA A 295 -21.56 -11.35 -6.20
CA ALA A 295 -22.77 -12.00 -6.70
C ALA A 295 -23.50 -12.81 -5.62
N PRO A 296 -24.15 -12.11 -4.66
CA PRO A 296 -24.83 -12.82 -3.58
C PRO A 296 -26.20 -13.39 -3.96
N MET A 297 -26.69 -13.06 -5.16
CA MET A 297 -28.01 -13.48 -5.61
C MET A 297 -28.10 -14.97 -5.98
N GLY A 298 -26.99 -15.69 -5.84
CA GLY A 298 -27.01 -17.13 -6.08
C GLY A 298 -26.17 -17.58 -7.26
N ARG A 299 -25.77 -18.85 -7.21
CA ARG A 299 -24.91 -19.45 -8.22
C ARG A 299 -25.65 -19.60 -9.56
N CYS A 300 -24.99 -19.22 -10.65
CA CYS A 300 -25.55 -19.31 -12.00
C CYS A 300 -25.98 -20.73 -12.35
N ALA A 301 -27.06 -20.85 -13.13
CA ALA A 301 -27.46 -22.13 -13.71
C ALA A 301 -26.45 -22.53 -14.78
N ALA A 302 -26.58 -23.74 -15.30
CA ALA A 302 -25.69 -24.20 -16.37
C ALA A 302 -25.87 -23.33 -17.60
N GLY A 303 -24.77 -22.80 -18.12
CA GLY A 303 -24.76 -21.98 -19.34
C GLY A 303 -25.28 -20.56 -19.16
N VAL A 304 -25.18 -20.04 -17.94
CA VAL A 304 -25.62 -18.68 -17.62
C VAL A 304 -24.52 -17.97 -16.83
N MET A 305 -24.39 -16.66 -17.04
CA MET A 305 -23.46 -15.85 -16.28
C MET A 305 -24.12 -14.56 -15.77
N HIS A 306 -23.49 -13.94 -14.76
CA HIS A 306 -23.93 -12.66 -14.25
C HIS A 306 -23.44 -11.54 -15.16
N LEU A 307 -24.27 -10.51 -15.31
CA LEU A 307 -23.85 -9.29 -16.00
C LEU A 307 -24.24 -8.05 -15.20
N PHE A 308 -23.24 -7.23 -14.90
CA PHE A 308 -23.42 -5.97 -14.20
C PHE A 308 -22.95 -4.85 -15.10
N TYR A 309 -23.58 -3.69 -14.98
CA TYR A 309 -23.01 -2.45 -15.48
C TYR A 309 -23.48 -1.27 -14.66
N VAL A 310 -22.63 -0.26 -14.54
CA VAL A 310 -22.99 0.97 -13.86
C VAL A 310 -22.96 2.12 -14.85
N ARG A 311 -24.11 2.79 -14.98
CA ARG A 311 -24.27 3.94 -15.85
C ARG A 311 -23.59 5.17 -15.26
N ALA A 312 -23.05 6.02 -16.13
CA ALA A 312 -22.56 7.33 -15.73
C ALA A 312 -23.70 8.11 -15.07
N GLY A 313 -23.40 8.77 -13.96
CA GLY A 313 -24.41 9.45 -13.18
C GLY A 313 -24.25 9.21 -11.69
N VAL A 314 -23.77 8.02 -11.33
CA VAL A 314 -23.41 7.71 -9.94
C VAL A 314 -22.39 8.71 -9.43
N SER A 315 -22.54 9.08 -8.16
CA SER A 315 -21.55 9.90 -7.49
C SER A 315 -20.39 9.04 -6.99
N ARG A 316 -19.24 9.67 -6.83
CA ARG A 316 -18.07 9.06 -6.19
C ARG A 316 -18.43 8.39 -4.85
N ALA A 317 -19.29 9.04 -4.07
CA ALA A 317 -19.73 8.52 -2.78
C ALA A 317 -20.42 7.15 -2.89
N MET A 318 -21.43 7.07 -3.76
CA MET A 318 -22.19 5.82 -3.93
C MET A 318 -21.33 4.69 -4.50
N LEU A 319 -20.48 5.00 -5.48
CA LEU A 319 -19.54 4.02 -6.03
C LEU A 319 -18.70 3.37 -4.94
N LEU A 320 -18.22 4.18 -4.00
CA LEU A 320 -17.39 3.69 -2.91
C LEU A 320 -18.20 2.83 -1.94
N ARG A 321 -19.42 3.26 -1.67
CA ARG A 321 -20.32 2.52 -0.77
C ARG A 321 -20.64 1.14 -1.34
N LEU A 322 -20.79 1.06 -2.66
CA LEU A 322 -20.98 -0.22 -3.35
C LEU A 322 -19.76 -1.12 -3.23
N PHE A 323 -18.57 -0.55 -3.44
CA PHE A 323 -17.32 -1.30 -3.35
C PHE A 323 -17.08 -1.88 -1.95
N LEU A 324 -17.37 -1.08 -0.93
CA LEU A 324 -17.19 -1.50 0.46
C LEU A 324 -18.27 -2.50 0.90
N ALA A 325 -19.46 -2.36 0.33
CA ALA A 325 -20.58 -3.26 0.63
C ALA A 325 -20.35 -4.66 0.05
N MET A 326 -19.54 -4.75 -1.00
CA MET A 326 -19.18 -6.03 -1.63
C MET A 326 -18.52 -7.01 -0.68
N GLU A 327 -17.71 -6.51 0.25
CA GLU A 327 -17.01 -7.37 1.22
C GLU A 327 -17.96 -8.41 1.83
N LYS A 328 -19.09 -7.93 2.37
CA LYS A 328 -20.10 -8.82 2.94
C LYS A 328 -21.27 -9.07 1.98
N GLY A 329 -21.09 -8.67 0.72
CA GLY A 329 -22.08 -8.92 -0.35
C GLY A 329 -23.40 -8.20 -0.18
N ARG A 330 -23.36 -6.98 0.34
CA ARG A 330 -24.56 -6.22 0.65
C ARG A 330 -24.78 -5.02 -0.26
N HIS A 331 -24.07 -4.99 -1.39
CA HIS A 331 -24.14 -3.87 -2.32
C HIS A 331 -25.47 -3.77 -3.08
N MET A 332 -26.13 -4.90 -3.30
CA MET A 332 -27.41 -4.93 -4.01
C MET A 332 -28.57 -4.37 -3.19
N GLU A 333 -28.35 -4.29 -1.87
CA GLU A 333 -29.35 -3.75 -0.94
C GLU A 333 -29.56 -2.24 -1.06
N TYR A 334 -28.58 -1.54 -1.63
CA TYR A 334 -28.69 -0.08 -1.85
C TYR A 334 -29.74 0.28 -2.89
N GLU A 335 -30.01 -0.65 -3.80
CA GLU A 335 -30.94 -0.42 -4.93
C GLU A 335 -30.60 0.87 -5.68
N CYS A 336 -29.31 1.02 -6.00
CA CYS A 336 -28.78 2.15 -6.74
C CYS A 336 -29.31 2.14 -8.19
N PRO A 337 -29.90 3.27 -8.63
CA PRO A 337 -30.59 3.32 -9.91
C PRO A 337 -29.66 3.39 -11.13
N TYR A 338 -28.34 3.32 -10.91
CA TYR A 338 -27.36 3.31 -12.01
C TYR A 338 -26.72 1.93 -12.17
N LEU A 339 -27.04 1.03 -11.25
CA LEU A 339 -26.55 -0.35 -11.29
C LEU A 339 -27.63 -1.28 -11.81
N VAL A 340 -27.31 -2.03 -12.86
CA VAL A 340 -28.25 -2.97 -13.46
C VAL A 340 -27.64 -4.38 -13.44
N TYR A 341 -28.45 -5.36 -13.06
CA TYR A 341 -28.05 -6.75 -13.07
C TYR A 341 -28.99 -7.60 -13.92
N VAL A 342 -28.39 -8.43 -14.78
CA VAL A 342 -29.14 -9.40 -15.58
C VAL A 342 -28.34 -10.70 -15.78
N PRO A 343 -28.97 -11.85 -15.56
CA PRO A 343 -28.31 -13.09 -15.98
C PRO A 343 -28.41 -13.25 -17.51
N VAL A 344 -27.29 -13.57 -18.15
CA VAL A 344 -27.21 -13.64 -19.61
C VAL A 344 -26.52 -14.94 -20.12
N VAL A 345 -26.65 -15.22 -21.41
CA VAL A 345 -25.93 -16.33 -22.05
C VAL A 345 -24.91 -15.80 -23.07
N ALA A 346 -25.05 -14.52 -23.43
CA ALA A 346 -24.22 -13.89 -24.44
C ALA A 346 -24.24 -12.37 -24.30
N PHE A 347 -23.16 -11.72 -24.73
CA PHE A 347 -23.07 -10.26 -24.70
C PHE A 347 -22.17 -9.71 -25.80
N ARG A 348 -22.34 -8.45 -26.14
CA ARG A 348 -21.40 -7.74 -26.99
C ARG A 348 -21.09 -6.37 -26.41
N LEU A 349 -19.80 -6.04 -26.36
CA LEU A 349 -19.36 -4.73 -25.89
C LEU A 349 -18.44 -4.06 -26.90
N GLU A 350 -18.88 -2.90 -27.38
CA GLU A 350 -18.16 -2.15 -28.39
C GLU A 350 -17.86 -0.75 -27.84
N PRO A 351 -16.66 -0.57 -27.26
CA PRO A 351 -16.25 0.75 -26.76
C PRO A 351 -16.11 1.80 -27.86
N LYS A 352 -16.69 2.98 -27.64
CA LYS A 352 -16.60 4.09 -28.58
C LYS A 352 -15.19 4.66 -28.61
N ASP A 353 -14.89 5.42 -29.65
CA ASP A 353 -13.54 5.96 -29.89
C ASP A 353 -12.58 4.79 -30.22
N GLY A 354 -11.36 4.85 -29.68
CA GLY A 354 -10.34 3.84 -30.00
C GLY A 354 -10.54 2.50 -29.34
N LYS A 355 -9.43 1.78 -29.14
CA LYS A 355 -9.44 0.50 -28.45
C LYS A 355 -9.71 0.68 -26.95
N GLY A 356 -10.41 -0.29 -26.38
CA GLY A 356 -10.70 -0.29 -24.95
C GLY A 356 -9.79 -1.24 -24.21
N VAL A 357 -9.50 -0.90 -22.95
CA VAL A 357 -8.76 -1.78 -22.06
C VAL A 357 -9.72 -2.70 -21.31
N PHE A 358 -9.49 -4.01 -21.40
CA PHE A 358 -10.32 -5.01 -20.76
C PHE A 358 -9.51 -5.85 -19.77
N ALA A 359 -10.19 -6.42 -18.78
CA ALA A 359 -9.58 -7.44 -17.94
C ALA A 359 -10.26 -8.78 -18.24
N VAL A 360 -9.46 -9.75 -18.67
CA VAL A 360 -9.95 -11.11 -18.89
C VAL A 360 -9.36 -12.00 -17.82
N ASP A 361 -10.21 -12.46 -16.91
CA ASP A 361 -9.76 -13.22 -15.74
C ASP A 361 -8.55 -12.55 -15.09
N GLY A 362 -8.65 -11.24 -14.90
CA GLY A 362 -7.57 -10.45 -14.31
C GLY A 362 -6.56 -9.90 -15.31
N GLU A 363 -6.39 -10.60 -16.42
CA GLU A 363 -5.33 -10.29 -17.38
C GLU A 363 -5.73 -9.22 -18.40
N LEU A 364 -4.75 -8.38 -18.76
CA LEU A 364 -4.94 -7.26 -19.68
C LEU A 364 -5.21 -7.72 -21.11
N MET A 365 -6.24 -7.12 -21.72
CA MET A 365 -6.53 -7.31 -23.14
C MET A 365 -7.04 -6.00 -23.71
N VAL A 366 -6.51 -5.62 -24.86
CA VAL A 366 -6.88 -4.39 -25.56
C VAL A 366 -7.52 -4.74 -26.90
N SER A 367 -8.74 -4.29 -27.13
CA SER A 367 -9.47 -4.55 -28.37
C SER A 367 -10.52 -3.50 -28.69
N GLU A 368 -10.87 -3.39 -29.98
CA GLU A 368 -11.88 -2.46 -30.47
C GLU A 368 -13.29 -2.88 -30.06
N ALA A 369 -13.50 -4.20 -29.99
CA ALA A 369 -14.79 -4.78 -29.64
C ALA A 369 -14.60 -6.22 -29.15
N VAL A 370 -15.38 -6.59 -28.14
CA VAL A 370 -15.36 -7.94 -27.59
C VAL A 370 -16.79 -8.45 -27.49
N GLN A 371 -16.98 -9.72 -27.82
CA GLN A 371 -18.26 -10.38 -27.56
C GLN A 371 -18.01 -11.81 -27.08
N GLY A 372 -19.00 -12.39 -26.40
CA GLY A 372 -18.88 -13.74 -25.89
C GLY A 372 -20.18 -14.43 -25.57
N GLN A 373 -20.14 -15.76 -25.49
CA GLN A 373 -21.27 -16.54 -25.02
C GLN A 373 -20.81 -17.60 -24.03
N VAL A 374 -21.74 -18.07 -23.21
CA VAL A 374 -21.44 -19.04 -22.15
C VAL A 374 -21.65 -20.47 -22.61
N HIS A 375 -20.69 -21.33 -22.29
CA HIS A 375 -20.82 -22.76 -22.54
C HIS A 375 -21.00 -23.50 -21.21
N PRO A 376 -22.08 -24.31 -21.11
CA PRO A 376 -22.50 -24.91 -19.85
C PRO A 376 -21.64 -26.06 -19.40
N ASN A 377 -21.38 -26.14 -18.10
CA ASN A 377 -20.72 -27.29 -17.48
C ASN A 377 -19.69 -27.95 -18.40
N TYR A 378 -18.70 -27.16 -18.82
CA TYR A 378 -17.76 -27.59 -19.87
C TYR A 378 -16.47 -28.19 -19.33
N PHE A 379 -16.05 -27.77 -18.14
CA PHE A 379 -14.89 -28.34 -17.48
C PHE A 379 -15.16 -28.65 -16.01
N TRP A 380 -14.33 -29.49 -15.41
CA TRP A 380 -14.52 -29.92 -14.04
C TRP A 380 -13.48 -29.31 -13.09
N MET A 381 -13.93 -28.92 -11.90
CA MET A 381 -13.04 -28.43 -10.87
C MET A 381 -13.30 -29.16 -9.56
N VAL A 382 -12.29 -29.21 -8.69
CA VAL A 382 -12.49 -29.70 -7.33
C VAL A 382 -13.23 -28.61 -6.53
N SER A 383 -14.19 -29.03 -5.72
CA SER A 383 -15.01 -28.12 -4.92
C SER A 383 -15.62 -28.85 -3.73
N GLY A 384 -16.35 -28.10 -2.90
CA GLY A 384 -16.94 -28.65 -1.68
C GLY A 384 -18.33 -29.23 -1.87
N SER B 28 37.08 9.84 -27.16
CA SER B 28 36.97 8.45 -27.69
C SER B 28 35.52 7.99 -27.82
N GLY B 29 34.73 8.19 -26.77
CA GLY B 29 33.31 7.84 -26.77
C GLY B 29 32.99 6.40 -26.40
N VAL B 30 34.03 5.56 -26.35
CA VAL B 30 33.89 4.15 -25.97
C VAL B 30 34.89 3.82 -24.87
N LEU B 31 34.44 3.08 -23.86
CA LEU B 31 35.35 2.55 -22.84
C LEU B 31 36.25 1.45 -23.44
N PRO B 32 37.51 1.36 -22.97
CA PRO B 32 38.42 0.29 -23.38
C PRO B 32 37.94 -1.11 -22.98
N ARG B 33 38.43 -2.13 -23.70
CA ARG B 33 38.12 -3.53 -23.39
C ARG B 33 39.39 -4.39 -23.35
N PRO B 34 39.70 -5.00 -22.19
CA PRO B 34 38.95 -4.93 -20.93
C PRO B 34 39.14 -3.59 -20.21
N CYS B 35 38.40 -3.37 -19.14
CA CYS B 35 38.53 -2.15 -18.35
C CYS B 35 38.28 -2.37 -16.86
N ARG B 36 38.75 -1.42 -16.04
CA ARG B 36 38.59 -1.48 -14.61
C ARG B 36 37.67 -0.37 -14.13
N VAL B 37 36.63 -0.75 -13.38
CA VAL B 37 35.71 0.24 -12.81
C VAL B 37 35.66 0.16 -11.29
N LEU B 38 35.35 1.30 -10.67
CA LEU B 38 35.10 1.36 -9.25
C LEU B 38 33.60 1.37 -9.02
N VAL B 39 33.12 0.36 -8.30
CA VAL B 39 31.71 0.32 -7.93
C VAL B 39 31.54 0.87 -6.51
N LEU B 40 30.84 1.99 -6.40
CA LEU B 40 30.45 2.54 -5.10
C LEU B 40 29.02 2.09 -4.80
N LEU B 41 28.89 1.22 -3.81
CA LEU B 41 27.61 0.58 -3.50
C LEU B 41 27.16 0.89 -2.08
N ASN B 42 25.94 1.38 -1.94
CA ASN B 42 25.31 1.54 -0.64
C ASN B 42 24.57 0.25 -0.29
N PRO B 43 25.06 -0.48 0.75
CA PRO B 43 24.45 -1.76 1.10
C PRO B 43 23.05 -1.63 1.69
N ARG B 44 22.71 -0.44 2.19
CA ARG B 44 21.37 -0.17 2.69
C ARG B 44 20.32 -0.16 1.58
N GLY B 45 20.74 0.19 0.36
CA GLY B 45 19.84 0.37 -0.78
C GLY B 45 18.99 -0.84 -1.15
N GLY B 46 17.74 -0.57 -1.51
CA GLY B 46 16.79 -1.60 -1.95
C GLY B 46 16.43 -2.60 -0.87
N LYS B 47 16.05 -2.07 0.31
CA LYS B 47 15.73 -2.89 1.49
C LYS B 47 16.92 -3.71 1.99
N GLY B 48 18.12 -3.16 1.85
CA GLY B 48 19.36 -3.82 2.29
C GLY B 48 19.79 -4.99 1.42
N LYS B 49 19.38 -4.96 0.16
CA LYS B 49 19.63 -6.07 -0.76
C LYS B 49 20.55 -5.71 -1.94
N ALA B 50 21.09 -4.49 -1.94
CA ALA B 50 21.93 -4.00 -3.04
C ALA B 50 23.11 -4.92 -3.38
N LEU B 51 23.82 -5.39 -2.36
CA LEU B 51 25.01 -6.23 -2.55
C LEU B 51 24.68 -7.55 -3.25
N GLN B 52 23.61 -8.22 -2.80
CA GLN B 52 23.18 -9.47 -3.39
C GLN B 52 22.61 -9.29 -4.80
N LEU B 53 21.97 -8.14 -5.05
CA LEU B 53 21.50 -7.79 -6.38
C LEU B 53 22.68 -7.60 -7.35
N PHE B 54 23.75 -6.98 -6.86
CA PHE B 54 24.97 -6.83 -7.64
C PHE B 54 25.55 -8.20 -7.96
N ARG B 55 25.58 -9.06 -6.95
CA ARG B 55 26.07 -10.42 -7.09
C ARG B 55 25.28 -11.27 -8.10
N SER B 56 23.96 -11.14 -8.08
CA SER B 56 23.10 -11.93 -8.99
C SER B 56 22.90 -11.31 -10.37
N HIS B 57 22.62 -10.01 -10.43
CA HIS B 57 22.19 -9.35 -11.66
C HIS B 57 23.24 -8.53 -12.40
N VAL B 58 24.37 -8.22 -11.75
CA VAL B 58 25.38 -7.34 -12.33
C VAL B 58 26.71 -8.07 -12.59
N GLN B 59 27.27 -8.68 -11.55
CA GLN B 59 28.56 -9.37 -11.65
C GLN B 59 28.69 -10.35 -12.83
N PRO B 60 27.67 -11.21 -13.08
CA PRO B 60 27.78 -12.11 -14.24
C PRO B 60 27.93 -11.38 -15.56
N LEU B 61 27.15 -10.32 -15.76
CA LEU B 61 27.23 -9.52 -16.98
C LEU B 61 28.58 -8.82 -17.12
N LEU B 62 29.13 -8.37 -15.99
CA LEU B 62 30.42 -7.67 -15.98
C LEU B 62 31.60 -8.57 -16.32
N ALA B 63 31.54 -9.82 -15.86
CA ALA B 63 32.58 -10.79 -16.20
C ALA B 63 32.52 -11.11 -17.69
N GLU B 64 31.30 -11.40 -18.17
CA GLU B 64 31.03 -11.64 -19.58
C GLU B 64 31.59 -10.52 -20.48
N ALA B 65 31.45 -9.28 -20.02
CA ALA B 65 31.90 -8.12 -20.79
C ALA B 65 33.36 -7.75 -20.51
N GLU B 66 34.02 -8.56 -19.69
CA GLU B 66 35.44 -8.36 -19.31
C GLU B 66 35.68 -7.03 -18.60
N ILE B 67 34.73 -6.64 -17.76
CA ILE B 67 34.88 -5.45 -16.93
C ILE B 67 35.29 -5.86 -15.51
N SER B 68 36.52 -5.54 -15.14
CA SER B 68 36.98 -5.74 -13.77
C SER B 68 36.40 -4.68 -12.85
N PHE B 69 36.12 -5.07 -11.62
CA PHE B 69 35.53 -4.18 -10.64
C PHE B 69 36.13 -4.38 -9.26
N THR B 70 36.08 -3.33 -8.44
CA THR B 70 36.30 -3.46 -7.01
C THR B 70 35.13 -2.79 -6.29
N LEU B 71 34.45 -3.55 -5.43
CA LEU B 71 33.32 -3.01 -4.68
C LEU B 71 33.79 -2.21 -3.49
N MET B 72 33.20 -1.02 -3.33
CA MET B 72 33.48 -0.17 -2.20
C MET B 72 32.18 0.16 -1.50
N LEU B 73 31.97 -0.45 -0.33
CA LEU B 73 30.73 -0.25 0.43
C LEU B 73 30.71 1.14 1.03
N THR B 74 29.60 1.83 0.85
CA THR B 74 29.50 3.22 1.28
C THR B 74 28.23 3.51 2.08
N GLU B 75 28.34 3.36 3.39
CA GLU B 75 27.29 3.80 4.31
C GLU B 75 27.69 5.14 4.92
N ARG B 76 26.70 5.89 5.40
CA ARG B 76 26.88 7.27 5.87
C ARG B 76 26.87 8.20 4.68
N ARG B 77 26.08 9.28 4.79
CA ARG B 77 26.05 10.33 3.78
C ARG B 77 27.38 11.08 3.77
N ASN B 78 27.80 11.48 2.57
CA ASN B 78 29.09 12.16 2.32
C ASN B 78 30.31 11.24 2.27
N HIS B 79 30.09 9.94 2.51
CA HIS B 79 31.15 8.94 2.45
C HIS B 79 31.70 8.81 1.03
N ALA B 80 30.81 8.59 0.06
CA ALA B 80 31.18 8.48 -1.35
C ALA B 80 31.78 9.78 -1.89
N ARG B 81 31.29 10.89 -1.36
CA ARG B 81 31.80 12.22 -1.69
C ARG B 81 33.27 12.33 -1.31
N GLU B 82 33.58 11.99 -0.06
CA GLU B 82 34.95 12.03 0.47
C GLU B 82 35.92 11.15 -0.32
N LEU B 83 35.49 9.93 -0.64
CA LEU B 83 36.31 9.00 -1.41
C LEU B 83 36.66 9.56 -2.78
N VAL B 84 35.63 9.97 -3.51
CA VAL B 84 35.76 10.51 -4.86
C VAL B 84 36.67 11.77 -4.87
N ARG B 85 36.56 12.57 -3.83
CA ARG B 85 37.37 13.77 -3.65
C ARG B 85 38.86 13.44 -3.55
N SER B 86 39.19 12.35 -2.86
CA SER B 86 40.58 11.97 -2.58
C SER B 86 41.11 10.84 -3.48
N GLU B 87 40.23 10.26 -4.29
CA GLU B 87 40.56 9.06 -5.09
C GLU B 87 41.59 9.32 -6.18
N GLU B 88 42.49 8.36 -6.35
CA GLU B 88 43.39 8.34 -7.51
C GLU B 88 42.59 7.85 -8.72
N LEU B 89 42.18 8.80 -9.56
CA LEU B 89 41.24 8.52 -10.64
C LEU B 89 41.90 7.87 -11.86
N GLY B 90 43.21 8.05 -11.99
CA GLY B 90 43.96 7.51 -13.12
C GLY B 90 43.93 5.99 -13.23
N ARG B 91 43.58 5.31 -12.15
CA ARG B 91 43.54 3.84 -12.12
C ARG B 91 42.17 3.26 -12.49
N TRP B 92 41.18 4.12 -12.71
CA TRP B 92 39.84 3.67 -13.08
C TRP B 92 39.47 4.14 -14.47
N ASP B 93 38.83 3.26 -15.23
CA ASP B 93 38.34 3.60 -16.56
C ASP B 93 36.94 4.21 -16.49
N ALA B 94 36.21 3.91 -15.41
CA ALA B 94 34.91 4.51 -15.13
C ALA B 94 34.49 4.35 -13.66
N LEU B 95 33.59 5.21 -13.21
CA LEU B 95 33.02 5.08 -11.87
C LEU B 95 31.57 4.57 -11.95
N VAL B 96 31.31 3.46 -11.27
CA VAL B 96 29.97 2.87 -11.22
C VAL B 96 29.33 3.16 -9.87
N VAL B 97 28.12 3.71 -9.91
CA VAL B 97 27.41 4.09 -8.70
C VAL B 97 26.16 3.23 -8.56
N MET B 98 26.13 2.37 -7.54
CA MET B 98 24.98 1.50 -7.33
C MET B 98 24.19 1.82 -6.06
N SER B 99 23.23 2.73 -6.20
CA SER B 99 22.26 3.04 -5.15
C SER B 99 21.09 3.83 -5.75
N GLY B 100 21.17 5.15 -5.70
CA GLY B 100 20.11 6.01 -6.23
C GLY B 100 20.65 7.30 -6.83
N ASP B 101 19.74 8.24 -7.10
CA ASP B 101 20.10 9.55 -7.63
C ASP B 101 20.97 10.33 -6.66
N GLY B 102 20.66 10.18 -5.37
CA GLY B 102 21.39 10.84 -4.28
C GLY B 102 22.87 10.52 -4.24
N LEU B 103 23.23 9.28 -4.57
CA LEU B 103 24.64 8.87 -4.55
C LEU B 103 25.42 9.40 -5.76
N MET B 104 24.76 9.50 -6.91
CA MET B 104 25.34 10.12 -8.09
C MET B 104 25.60 11.60 -7.83
N HIS B 105 24.68 12.24 -7.11
CA HIS B 105 24.83 13.63 -6.68
C HIS B 105 26.08 13.79 -5.84
N GLU B 106 26.30 12.87 -4.90
CA GLU B 106 27.46 12.91 -4.02
CA GLU B 106 27.47 12.87 -4.01
C GLU B 106 28.77 12.72 -4.79
N VAL B 107 28.76 11.82 -5.78
CA VAL B 107 29.95 11.54 -6.58
C VAL B 107 30.31 12.75 -7.47
N VAL B 108 29.32 13.30 -8.14
CA VAL B 108 29.54 14.43 -9.05
C VAL B 108 30.02 15.67 -8.30
N ASN B 109 29.40 15.96 -7.16
CA ASN B 109 29.88 17.05 -6.31
C ASN B 109 31.29 16.78 -5.76
N GLY B 110 31.55 15.54 -5.37
CA GLY B 110 32.88 15.11 -4.94
C GLY B 110 33.96 15.39 -5.98
N LEU B 111 33.65 15.13 -7.25
CA LEU B 111 34.57 15.40 -8.36
C LEU B 111 34.76 16.90 -8.56
N MET B 112 33.65 17.64 -8.54
CA MET B 112 33.67 19.09 -8.75
C MET B 112 34.31 19.88 -7.60
N GLU B 113 34.42 19.25 -6.43
CA GLU B 113 35.07 19.85 -5.26
C GLU B 113 36.60 19.76 -5.32
N ARG B 114 37.11 18.86 -6.16
CA ARG B 114 38.55 18.65 -6.31
C ARG B 114 39.24 19.82 -7.00
N PRO B 115 40.53 20.06 -6.69
CA PRO B 115 41.32 21.07 -7.42
C PRO B 115 41.51 20.72 -8.89
N ASP B 116 41.52 19.43 -9.22
CA ASP B 116 41.60 18.99 -10.62
C ASP B 116 40.21 18.67 -11.21
N TRP B 117 39.19 19.36 -10.72
CA TRP B 117 37.79 19.17 -11.13
C TRP B 117 37.60 19.14 -12.65
N GLU B 118 38.31 20.02 -13.35
CA GLU B 118 38.18 20.20 -14.79
C GLU B 118 38.45 18.91 -15.56
N THR B 119 39.38 18.10 -15.05
CA THR B 119 39.69 16.80 -15.64
C THR B 119 38.94 15.68 -14.91
N ALA B 120 38.70 15.89 -13.62
CA ALA B 120 38.04 14.89 -12.76
C ALA B 120 36.63 14.57 -13.23
N ILE B 121 35.89 15.61 -13.64
CA ILE B 121 34.52 15.46 -14.10
C ILE B 121 34.42 14.70 -15.43
N GLN B 122 35.54 14.65 -16.17
CA GLN B 122 35.58 13.93 -17.44
C GLN B 122 35.78 12.42 -17.29
N LYS B 123 35.81 11.93 -16.04
CA LYS B 123 35.85 10.50 -15.79
C LYS B 123 34.45 9.92 -16.02
N PRO B 124 34.33 8.92 -16.92
CA PRO B 124 33.04 8.31 -17.23
C PRO B 124 32.31 7.82 -15.98
N LEU B 125 31.02 8.14 -15.92
CA LEU B 125 30.16 7.76 -14.80
C LEU B 125 29.11 6.74 -15.25
N CYS B 126 28.54 6.02 -14.28
CA CYS B 126 27.52 5.01 -14.56
C CYS B 126 26.57 4.90 -13.36
N SER B 127 25.28 4.74 -13.65
CA SER B 127 24.26 4.69 -12.60
C SER B 127 23.50 3.38 -12.61
N LEU B 128 23.64 2.60 -11.55
CA LEU B 128 22.94 1.33 -11.44
C LEU B 128 21.88 1.40 -10.35
N PRO B 129 20.61 1.18 -10.74
CA PRO B 129 19.50 1.38 -9.81
C PRO B 129 19.38 0.28 -8.74
N ALA B 130 19.36 0.72 -7.48
CA ALA B 130 19.09 -0.17 -6.37
C ALA B 130 17.85 0.33 -5.63
N GLY B 131 16.71 -0.26 -5.97
CA GLY B 131 15.44 0.07 -5.33
C GLY B 131 14.86 1.43 -5.68
N SER B 132 14.52 2.18 -4.64
CA SER B 132 13.74 3.41 -4.75
C SER B 132 14.57 4.67 -5.04
N GLY B 133 13.99 5.58 -5.81
CA GLY B 133 14.61 6.87 -6.15
C GLY B 133 15.69 6.77 -7.21
N ASN B 134 15.28 6.42 -8.44
CA ASN B 134 16.23 6.20 -9.53
C ASN B 134 15.78 6.83 -10.85
N ALA B 135 15.63 8.14 -10.84
CA ALA B 135 15.15 8.87 -12.03
C ALA B 135 16.17 8.87 -13.16
N LEU B 136 17.45 8.94 -12.81
CA LEU B 136 18.52 8.99 -13.79
C LEU B 136 18.65 7.67 -14.55
N ALA B 137 18.67 6.57 -13.82
CA ALA B 137 18.71 5.24 -14.42
C ALA B 137 17.52 5.02 -15.35
N ALA B 138 16.34 5.45 -14.89
CA ALA B 138 15.10 5.35 -15.64
C ALA B 138 15.14 6.20 -16.92
N SER B 139 15.80 7.35 -16.84
CA SER B 139 15.97 8.24 -17.98
C SER B 139 16.90 7.62 -19.02
N LEU B 140 18.05 7.14 -18.58
CA LEU B 140 19.03 6.50 -19.46
C LEU B 140 18.46 5.24 -20.11
N ASN B 141 17.62 4.53 -19.36
CA ASN B 141 16.93 3.36 -19.87
C ASN B 141 15.99 3.73 -21.03
N HIS B 142 15.30 4.86 -20.86
CA HIS B 142 14.40 5.38 -21.89
C HIS B 142 15.15 5.88 -23.13
N TYR B 143 16.28 6.54 -22.93
CA TYR B 143 17.06 7.07 -24.05
C TYR B 143 17.55 5.93 -24.94
N ALA B 144 17.81 4.79 -24.33
CA ALA B 144 18.37 3.62 -25.01
C ALA B 144 17.34 2.91 -25.88
N GLY B 145 16.06 3.10 -25.58
CA GLY B 145 14.99 2.51 -26.36
C GLY B 145 14.22 1.41 -25.67
N TYR B 146 14.51 1.18 -24.39
CA TYR B 146 13.82 0.16 -23.61
C TYR B 146 12.47 0.68 -23.10
N GLU B 147 11.60 -0.25 -22.71
CA GLU B 147 10.31 0.09 -22.15
C GLU B 147 10.45 0.49 -20.67
N GLN B 148 9.41 1.09 -20.12
CA GLN B 148 9.47 1.66 -18.78
C GLN B 148 9.45 0.59 -17.69
N VAL B 149 10.54 -0.15 -17.60
CA VAL B 149 10.69 -1.24 -16.63
C VAL B 149 11.18 -0.72 -15.29
N THR B 150 10.98 -1.52 -14.25
CA THR B 150 11.38 -1.15 -12.89
C THR B 150 12.13 -2.29 -12.18
N ASN B 151 12.71 -1.98 -11.02
CA ASN B 151 13.40 -2.95 -10.18
C ASN B 151 14.56 -3.68 -10.87
N GLU B 152 14.58 -5.01 -10.76
CA GLU B 152 15.65 -5.84 -11.32
C GLU B 152 15.77 -5.74 -12.84
N ASP B 153 14.64 -5.58 -13.51
CA ASP B 153 14.62 -5.39 -14.96
C ASP B 153 15.37 -4.12 -15.36
N LEU B 154 15.09 -3.02 -14.66
CA LEU B 154 15.81 -1.76 -14.86
C LEU B 154 17.28 -1.92 -14.52
N LEU B 155 17.59 -2.71 -13.49
CA LEU B 155 18.96 -2.98 -13.07
C LEU B 155 19.75 -3.74 -14.13
N THR B 156 19.09 -4.70 -14.78
CA THR B 156 19.68 -5.47 -15.86
C THR B 156 19.97 -4.58 -17.08
N ASN B 157 18.94 -3.88 -17.55
CA ASN B 157 19.08 -3.00 -18.71
C ASN B 157 20.20 -1.97 -18.53
N CYS B 158 20.27 -1.36 -17.36
CA CYS B 158 21.32 -0.39 -17.04
C CYS B 158 22.69 -1.04 -16.98
N THR B 159 22.76 -2.26 -16.46
CA THR B 159 24.00 -3.04 -16.46
C THR B 159 24.40 -3.38 -17.90
N LEU B 160 23.40 -3.77 -18.71
CA LEU B 160 23.64 -4.07 -20.12
C LEU B 160 24.22 -2.85 -20.85
N LEU B 161 23.70 -1.66 -20.53
CA LEU B 161 24.20 -0.41 -21.08
C LEU B 161 25.68 -0.20 -20.76
N LEU B 162 26.07 -0.52 -19.52
CA LEU B 162 27.45 -0.43 -19.09
C LEU B 162 28.34 -1.36 -19.92
N CYS B 163 27.85 -2.58 -20.18
CA CYS B 163 28.61 -3.59 -20.91
C CYS B 163 28.83 -3.23 -22.38
N ARG B 164 27.95 -2.42 -22.95
CA ARG B 164 28.10 -1.97 -24.34
C ARG B 164 29.18 -0.89 -24.49
N ARG B 165 29.57 -0.30 -23.36
CA ARG B 165 30.73 0.59 -23.26
C ARG B 165 30.63 1.93 -23.98
N LEU B 166 29.41 2.35 -24.33
CA LEU B 166 29.23 3.59 -25.09
C LEU B 166 28.96 4.80 -24.19
N LEU B 167 29.78 5.82 -24.35
CA LEU B 167 29.69 7.03 -23.54
C LEU B 167 28.78 8.05 -24.19
N SER B 168 28.09 8.82 -23.34
CA SER B 168 27.20 9.86 -23.81
C SER B 168 27.27 11.05 -22.85
N PRO B 169 27.52 12.26 -23.39
CA PRO B 169 27.66 13.43 -22.53
C PRO B 169 26.33 13.86 -21.94
N MET B 170 26.38 14.40 -20.72
CA MET B 170 25.17 14.82 -20.01
C MET B 170 25.30 16.26 -19.53
N ASN B 171 24.15 16.90 -19.31
CA ASN B 171 24.10 18.25 -18.78
C ASN B 171 24.37 18.29 -17.27
N LEU B 172 25.01 19.36 -16.82
CA LEU B 172 25.24 19.59 -15.40
C LEU B 172 24.64 20.94 -15.00
N LEU B 173 23.90 20.95 -13.89
CA LEU B 173 23.33 22.17 -13.36
C LEU B 173 24.27 22.75 -12.30
N SER B 174 24.57 24.04 -12.43
CA SER B 174 25.38 24.76 -11.44
C SER B 174 24.49 25.62 -10.54
N LEU B 175 24.39 25.23 -9.27
CA LEU B 175 23.52 25.94 -8.32
C LEU B 175 24.28 26.84 -7.34
N HIS B 176 23.67 27.99 -7.02
CA HIS B 176 24.17 28.91 -5.98
C HIS B 176 23.08 29.14 -4.94
N THR B 177 23.45 29.15 -3.66
CA THR B 177 22.48 29.41 -2.59
C THR B 177 22.68 30.77 -1.92
N ALA B 178 21.75 31.11 -1.03
CA ALA B 178 21.78 32.37 -0.30
C ALA B 178 23.03 32.52 0.57
N SER B 179 23.45 31.43 1.20
CA SER B 179 24.63 31.42 2.06
C SER B 179 25.96 31.37 1.28
N GLY B 180 25.88 31.52 -0.04
CA GLY B 180 27.05 31.53 -0.91
C GLY B 180 27.57 30.15 -1.31
N LEU B 181 26.84 29.11 -0.90
CA LEU B 181 27.21 27.72 -1.17
C LEU B 181 27.01 27.37 -2.64
N ARG B 182 28.01 26.73 -3.23
CA ARG B 182 27.92 26.26 -4.61
C ARG B 182 27.90 24.74 -4.66
N LEU B 183 26.78 24.20 -5.17
CA LEU B 183 26.59 22.77 -5.32
C LEU B 183 26.13 22.44 -6.74
N PHE B 184 26.25 21.18 -7.13
CA PHE B 184 25.93 20.76 -8.49
C PHE B 184 24.85 19.69 -8.55
N SER B 185 23.97 19.82 -9.54
CA SER B 185 22.83 18.93 -9.70
C SER B 185 22.92 18.21 -11.04
N VAL B 186 22.68 16.89 -11.00
CA VAL B 186 22.71 16.07 -12.22
C VAL B 186 21.32 15.75 -12.75
N LEU B 187 20.29 15.97 -11.92
CA LEU B 187 18.94 15.58 -12.26
C LEU B 187 17.91 16.70 -12.10
N SER B 188 17.68 17.13 -10.87
CA SER B 188 16.55 18.02 -10.58
C SER B 188 16.71 18.90 -9.35
N LEU B 189 16.19 20.11 -9.44
CA LEU B 189 15.91 20.95 -8.28
C LEU B 189 14.41 21.13 -8.18
N ALA B 190 13.82 20.57 -7.12
CA ALA B 190 12.38 20.68 -6.88
C ALA B 190 12.11 21.60 -5.70
N TRP B 191 10.99 22.32 -5.77
CA TRP B 191 10.51 23.18 -4.69
C TRP B 191 9.00 23.10 -4.62
N GLY B 192 8.48 23.08 -3.38
CA GLY B 192 7.04 22.97 -3.16
C GLY B 192 6.58 21.53 -2.97
N PHE B 193 5.45 21.20 -3.59
CA PHE B 193 4.79 19.90 -3.44
C PHE B 193 5.76 18.73 -3.58
N ILE B 194 6.53 18.73 -4.66
CA ILE B 194 7.47 17.65 -4.96
C ILE B 194 8.54 17.54 -3.88
N ALA B 195 9.16 18.67 -3.55
CA ALA B 195 10.23 18.73 -2.56
C ALA B 195 9.74 18.30 -1.17
N ASP B 196 8.49 18.65 -0.85
CA ASP B 196 7.88 18.28 0.43
C ASP B 196 7.65 16.77 0.49
N VAL B 197 7.06 16.21 -0.56
CA VAL B 197 6.82 14.77 -0.66
C VAL B 197 8.13 13.99 -0.64
N ASP B 198 9.20 14.60 -1.14
CA ASP B 198 10.54 14.01 -1.05
C ASP B 198 10.99 13.87 0.40
N LEU B 199 10.83 14.94 1.18
CA LEU B 199 11.24 14.95 2.59
C LEU B 199 10.37 14.02 3.43
N GLU B 200 9.06 14.20 3.32
CA GLU B 200 8.09 13.47 4.13
C GLU B 200 7.98 11.98 3.74
N SER B 201 8.63 11.61 2.65
CA SER B 201 8.59 10.23 2.15
C SER B 201 9.67 9.35 2.80
N GLU B 202 10.67 9.97 3.41
CA GLU B 202 11.75 9.25 4.08
C GLU B 202 11.26 8.39 5.26
N LYS B 203 10.10 8.75 5.80
CA LYS B 203 9.48 8.04 6.91
C LYS B 203 9.23 6.55 6.62
N TYR B 204 9.07 6.20 5.35
CA TYR B 204 8.77 4.81 4.95
C TYR B 204 9.36 4.44 3.59
N ARG B 205 10.34 3.54 3.59
CA ARG B 205 10.89 2.99 2.35
C ARG B 205 10.84 1.48 2.36
N GLY B 208 9.00 1.47 -0.14
CA GLY B 208 9.75 2.30 -1.09
C GLY B 208 9.08 2.35 -2.44
N GLU B 209 9.68 3.11 -3.36
CA GLU B 209 9.21 3.26 -4.75
C GLU B 209 7.83 3.93 -4.81
N MET B 210 6.79 3.17 -4.46
CA MET B 210 5.42 3.66 -4.38
C MET B 210 5.24 4.65 -3.21
N ARG B 211 6.34 4.99 -2.55
CA ARG B 211 6.32 5.91 -1.42
C ARG B 211 6.04 7.36 -1.84
N PHE B 212 6.50 7.74 -3.03
CA PHE B 212 6.22 9.06 -3.60
C PHE B 212 4.78 9.12 -4.06
N THR B 213 4.29 8.00 -4.58
CA THR B 213 2.90 7.84 -5.00
C THR B 213 1.99 8.02 -3.78
N LEU B 214 2.32 7.30 -2.70
CA LEU B 214 1.52 7.31 -1.47
C LEU B 214 1.66 8.60 -0.70
N GLY B 215 2.85 9.20 -0.75
CA GLY B 215 3.11 10.50 -0.11
C GLY B 215 2.43 11.65 -0.81
N THR B 216 2.09 11.44 -2.09
CA THR B 216 1.37 12.44 -2.88
C THR B 216 -0.09 12.56 -2.43
N PHE B 217 -0.72 11.43 -2.12
CA PHE B 217 -2.11 11.41 -1.65
C PHE B 217 -2.26 12.05 -0.27
N LEU B 218 -1.24 11.87 0.57
CA LEU B 218 -1.21 12.47 1.90
C LEU B 218 -1.08 13.99 1.84
N ARG B 219 -0.24 14.49 0.93
CA ARG B 219 -0.03 15.93 0.78
C ARG B 219 -1.17 16.53 -0.05
N LEU B 220 -1.96 15.68 -0.69
CA LEU B 220 -3.11 16.10 -1.48
C LEU B 220 -4.28 16.51 -0.58
N ALA B 221 -4.42 15.83 0.56
CA ALA B 221 -5.48 16.10 1.53
C ALA B 221 -5.41 17.52 2.08
N ALA B 222 -4.22 17.93 2.52
CA ALA B 222 -3.99 19.30 2.99
C ALA B 222 -3.06 20.04 2.04
N LEU B 223 -3.65 20.60 0.97
CA LEU B 223 -2.89 21.25 -0.09
C LEU B 223 -2.21 22.56 0.33
N ARG B 224 -0.89 22.51 0.44
CA ARG B 224 -0.09 23.70 0.67
C ARG B 224 0.19 24.43 -0.63
N THR B 225 0.08 25.75 -0.59
CA THR B 225 0.62 26.62 -1.63
C THR B 225 1.77 27.41 -1.02
N TYR B 226 2.74 27.77 -1.85
CA TYR B 226 3.97 28.38 -1.37
C TYR B 226 4.20 29.72 -2.05
N ARG B 227 4.55 30.73 -1.26
CA ARG B 227 4.83 32.07 -1.77
C ARG B 227 6.28 32.15 -2.21
N GLY B 228 6.51 32.72 -3.39
CA GLY B 228 7.87 32.85 -3.92
C GLY B 228 7.98 33.63 -5.22
N ARG B 229 9.22 33.98 -5.59
CA ARG B 229 9.49 34.73 -6.81
C ARG B 229 10.34 33.89 -7.76
N LEU B 230 9.86 33.71 -8.98
CA LEU B 230 10.49 32.82 -9.96
C LEU B 230 10.82 33.55 -11.25
N ALA B 231 12.10 33.51 -11.63
CA ALA B 231 12.57 34.12 -12.87
C ALA B 231 13.43 33.12 -13.64
N TYR B 232 13.45 33.23 -14.96
CA TYR B 232 14.21 32.32 -15.81
C TYR B 232 14.69 32.94 -17.12
N LEU B 233 15.76 32.35 -17.67
CA LEU B 233 16.25 32.71 -19.00
C LEU B 233 15.95 31.57 -19.99
N PRO B 234 14.94 31.76 -20.86
CA PRO B 234 14.57 30.75 -21.86
C PRO B 234 15.62 30.59 -22.97
N VAL B 235 15.45 29.54 -23.77
CA VAL B 235 16.42 29.17 -24.81
C VAL B 235 16.59 30.27 -25.87
N GLY B 236 15.47 30.87 -26.27
CA GLY B 236 15.45 31.87 -27.34
C GLY B 236 16.34 33.09 -27.17
N ARG B 237 16.49 33.57 -25.94
CA ARG B 237 17.22 34.81 -25.68
C ARG B 237 18.66 34.59 -25.20
N VAL B 238 19.32 33.59 -25.79
CA VAL B 238 20.71 33.25 -25.49
C VAL B 238 21.59 33.52 -26.72
N GLN B 251 37.10 28.17 -7.78
CA GLN B 251 37.05 27.06 -8.73
C GLN B 251 35.64 26.85 -9.28
N GLY B 252 35.50 25.86 -10.18
CA GLY B 252 34.24 25.63 -10.86
C GLY B 252 34.13 26.49 -12.11
N PRO B 253 33.22 26.11 -13.04
CA PRO B 253 33.06 26.88 -14.28
C PRO B 253 32.36 28.22 -14.06
N VAL B 254 32.53 29.13 -15.00
CA VAL B 254 31.88 30.45 -14.92
C VAL B 254 30.41 30.37 -15.29
N ASP B 255 29.56 30.92 -14.43
CA ASP B 255 28.15 31.02 -14.71
C ASP B 255 27.84 32.40 -15.30
N ALA B 256 28.15 32.52 -16.60
CA ALA B 256 28.13 33.80 -17.32
C ALA B 256 26.72 34.39 -17.53
N HIS B 257 25.69 33.59 -17.27
CA HIS B 257 24.31 34.09 -17.35
C HIS B 257 23.81 34.58 -15.99
N LEU B 258 24.53 34.21 -14.93
CA LEU B 258 24.10 34.54 -13.57
C LEU B 258 24.76 35.79 -13.00
N VAL B 259 23.97 36.57 -12.26
CA VAL B 259 24.46 37.71 -11.48
C VAL B 259 24.21 37.42 -9.99
N PRO B 260 25.00 38.04 -9.08
CA PRO B 260 24.85 37.83 -7.64
C PRO B 260 23.39 37.85 -7.15
N LEU B 261 23.09 37.01 -6.16
CA LEU B 261 21.74 36.77 -5.67
C LEU B 261 20.99 38.01 -5.16
N GLU B 262 21.69 38.87 -4.44
CA GLU B 262 21.10 40.10 -3.88
C GLU B 262 21.07 41.27 -4.88
N GLU B 263 21.63 41.06 -6.06
CA GLU B 263 21.45 41.96 -7.18
C GLU B 263 20.15 41.60 -7.92
N PRO B 264 19.55 42.57 -8.65
CA PRO B 264 18.33 42.26 -9.38
C PRO B 264 18.59 41.46 -10.65
N VAL B 265 17.59 40.69 -11.06
CA VAL B 265 17.68 39.83 -12.25
C VAL B 265 17.74 40.66 -13.54
N PRO B 266 18.59 40.24 -14.51
CA PRO B 266 18.77 40.95 -15.79
C PRO B 266 17.46 41.17 -16.56
N SER B 267 17.44 42.22 -17.39
CA SER B 267 16.21 42.66 -18.07
C SER B 267 15.60 41.63 -19.02
N HIS B 268 16.45 40.95 -19.78
CA HIS B 268 15.98 39.98 -20.79
C HIS B 268 15.42 38.67 -20.19
N TRP B 269 15.60 38.48 -18.89
CA TRP B 269 15.02 37.35 -18.16
C TRP B 269 13.51 37.54 -18.02
N THR B 270 12.79 36.43 -18.05
CA THR B 270 11.35 36.45 -17.78
C THR B 270 11.10 36.39 -16.29
N VAL B 271 10.28 37.31 -15.79
CA VAL B 271 9.88 37.29 -14.40
C VAL B 271 8.39 36.91 -14.35
N VAL B 272 8.11 35.79 -13.71
CA VAL B 272 6.75 35.26 -13.60
C VAL B 272 5.90 36.16 -12.69
N PRO B 273 4.77 36.68 -13.23
CA PRO B 273 3.91 37.63 -12.54
C PRO B 273 3.35 37.13 -11.20
N ASP B 274 2.58 36.04 -11.23
CA ASP B 274 1.98 35.51 -10.01
C ASP B 274 3.02 34.85 -9.11
N GLU B 275 2.88 35.05 -7.81
CA GLU B 275 3.89 34.65 -6.84
C GLU B 275 3.37 33.58 -5.86
N ASP B 276 2.43 32.78 -6.34
CA ASP B 276 1.83 31.72 -5.52
C ASP B 276 1.91 30.39 -6.28
N PHE B 277 2.76 29.50 -5.80
CA PHE B 277 3.05 28.23 -6.48
C PHE B 277 2.70 27.02 -5.62
N VAL B 278 2.35 25.91 -6.25
CA VAL B 278 2.20 24.63 -5.55
C VAL B 278 3.45 23.77 -5.71
N LEU B 279 4.14 23.94 -6.85
CA LEU B 279 5.42 23.29 -7.12
C LEU B 279 6.21 24.03 -8.19
N VAL B 280 7.54 23.97 -8.08
CA VAL B 280 8.44 24.44 -9.14
C VAL B 280 9.55 23.40 -9.32
N LEU B 281 9.73 22.92 -10.55
CA LEU B 281 10.71 21.88 -10.84
C LEU B 281 11.63 22.23 -11.99
N ALA B 282 12.93 22.17 -11.73
CA ALA B 282 13.95 22.19 -12.78
C ALA B 282 14.36 20.75 -13.02
N LEU B 283 14.21 20.28 -14.26
CA LEU B 283 14.50 18.89 -14.58
C LEU B 283 15.45 18.77 -15.76
N LEU B 284 16.56 18.06 -15.55
CA LEU B 284 17.60 17.90 -16.56
C LEU B 284 17.35 16.68 -17.47
N HIS B 285 16.43 15.81 -17.06
CA HIS B 285 16.17 14.57 -17.78
C HIS B 285 14.68 14.33 -18.07
N SER B 286 14.36 13.13 -18.56
CA SER B 286 12.98 12.82 -18.96
C SER B 286 12.13 12.30 -17.80
N HIS B 287 12.75 11.55 -16.90
CA HIS B 287 12.05 10.90 -15.82
C HIS B 287 12.30 11.53 -14.45
N LEU B 288 11.25 11.50 -13.62
CA LEU B 288 11.34 11.96 -12.23
C LEU B 288 11.45 10.75 -11.32
N GLY B 289 11.15 9.58 -11.89
CA GLY B 289 11.25 8.30 -11.20
C GLY B 289 11.09 7.19 -12.23
N SER B 290 11.18 5.93 -11.78
CA SER B 290 11.09 4.79 -12.70
C SER B 290 9.71 4.65 -13.35
N GLU B 291 8.71 5.29 -12.75
CA GLU B 291 7.35 5.30 -13.30
C GLU B 291 6.81 6.72 -13.31
N MET B 292 7.70 7.69 -13.50
CA MET B 292 7.30 9.09 -13.57
C MET B 292 7.97 9.78 -14.77
N PHE B 293 7.32 9.67 -15.92
CA PHE B 293 7.76 10.26 -17.18
C PHE B 293 7.36 11.73 -17.18
N ALA B 294 8.18 12.57 -16.56
CA ALA B 294 7.82 13.98 -16.31
C ALA B 294 7.94 14.87 -17.53
N ALA B 295 8.88 14.55 -18.43
CA ALA B 295 9.12 15.35 -19.63
C ALA B 295 9.01 14.49 -20.89
N PRO B 296 7.78 14.37 -21.45
CA PRO B 296 7.49 13.46 -22.57
C PRO B 296 8.13 13.88 -23.89
N MET B 297 8.54 15.16 -24.00
CA MET B 297 9.29 15.65 -25.16
C MET B 297 10.64 14.93 -25.25
N GLY B 298 10.99 14.23 -24.18
CA GLY B 298 12.13 13.31 -24.16
C GLY B 298 13.41 13.90 -23.61
N ARG B 299 14.52 13.54 -24.26
CA ARG B 299 15.85 13.93 -23.84
C ARG B 299 16.10 15.41 -24.11
N CYS B 300 16.70 16.07 -23.13
CA CYS B 300 17.16 17.45 -23.29
C CYS B 300 18.24 17.55 -24.37
N ALA B 301 18.43 18.76 -24.89
CA ALA B 301 19.54 19.07 -25.75
C ALA B 301 20.66 19.65 -24.89
N ALA B 302 21.86 19.73 -25.46
CA ALA B 302 22.99 20.32 -24.75
C ALA B 302 22.67 21.74 -24.28
N GLY B 303 22.97 22.02 -23.02
CA GLY B 303 22.77 23.35 -22.43
C GLY B 303 21.33 23.76 -22.23
N VAL B 304 20.42 22.79 -22.17
CA VAL B 304 19.00 23.06 -21.95
C VAL B 304 18.45 22.15 -20.85
N MET B 305 17.59 22.71 -20.00
CA MET B 305 16.85 21.92 -19.02
C MET B 305 15.35 22.28 -19.04
N HIS B 306 14.53 21.30 -18.70
CA HIS B 306 13.09 21.49 -18.62
C HIS B 306 12.74 22.26 -17.34
N LEU B 307 11.87 23.25 -17.46
CA LEU B 307 11.35 23.94 -16.28
C LEU B 307 9.84 23.85 -16.23
N PHE B 308 9.34 23.11 -15.23
CA PHE B 308 7.92 23.00 -14.97
C PHE B 308 7.58 23.80 -13.72
N TYR B 309 6.41 24.43 -13.73
CA TYR B 309 5.81 24.96 -12.50
C TYR B 309 4.28 24.94 -12.56
N VAL B 310 3.66 24.65 -11.42
CA VAL B 310 2.20 24.66 -11.32
C VAL B 310 1.77 25.80 -10.40
N ARG B 311 0.89 26.67 -10.91
CA ARG B 311 0.44 27.83 -10.16
C ARG B 311 -0.70 27.50 -9.21
N ALA B 312 -0.88 28.34 -8.19
CA ALA B 312 -1.95 28.16 -7.21
C ALA B 312 -3.33 28.38 -7.83
N GLY B 313 -4.24 27.44 -7.59
CA GLY B 313 -5.59 27.50 -8.14
C GLY B 313 -6.13 26.15 -8.57
N VAL B 314 -5.23 25.22 -8.87
CA VAL B 314 -5.60 23.85 -9.27
C VAL B 314 -6.46 23.15 -8.24
N SER B 315 -7.43 22.37 -8.72
CA SER B 315 -8.21 21.51 -7.85
C SER B 315 -7.36 20.33 -7.41
N ARG B 316 -7.70 19.78 -6.24
CA ARG B 316 -7.01 18.61 -5.69
C ARG B 316 -7.07 17.42 -6.65
N ALA B 317 -8.18 17.31 -7.37
CA ALA B 317 -8.40 16.22 -8.33
C ALA B 317 -7.59 16.38 -9.62
N MET B 318 -7.27 17.62 -9.98
CA MET B 318 -6.46 17.89 -11.18
C MET B 318 -4.98 17.56 -10.96
N LEU B 319 -4.45 17.92 -9.78
CA LEU B 319 -3.08 17.56 -9.41
C LEU B 319 -2.87 16.05 -9.39
N LEU B 320 -3.85 15.33 -8.88
CA LEU B 320 -3.80 13.86 -8.85
C LEU B 320 -3.93 13.28 -10.26
N ARG B 321 -4.72 13.95 -11.10
CA ARG B 321 -4.92 13.53 -12.49
C ARG B 321 -3.63 13.67 -13.30
N LEU B 322 -2.90 14.75 -13.06
CA LEU B 322 -1.61 14.98 -13.70
C LEU B 322 -0.58 13.94 -13.22
N PHE B 323 -0.50 13.77 -11.91
CA PHE B 323 0.43 12.82 -11.29
C PHE B 323 0.26 11.40 -11.84
N LEU B 324 -0.99 10.94 -11.93
CA LEU B 324 -1.27 9.60 -12.43
C LEU B 324 -1.01 9.51 -13.94
N ALA B 325 -1.24 10.63 -14.65
CA ALA B 325 -0.97 10.70 -16.08
C ALA B 325 0.52 10.67 -16.38
N MET B 326 1.33 11.18 -15.46
CA MET B 326 2.80 11.17 -15.56
C MET B 326 3.39 9.80 -15.87
N GLU B 327 2.78 8.74 -15.32
CA GLU B 327 3.27 7.37 -15.49
C GLU B 327 3.49 7.04 -16.97
N LYS B 328 2.58 7.51 -17.81
CA LYS B 328 2.66 7.28 -19.26
C LYS B 328 3.05 8.55 -20.03
N GLY B 329 3.34 9.62 -19.29
CA GLY B 329 3.76 10.90 -19.87
C GLY B 329 2.67 11.60 -20.66
N ARG B 330 1.45 11.54 -20.14
CA ARG B 330 0.28 12.10 -20.84
C ARG B 330 -0.37 13.22 -20.05
N HIS B 331 0.39 13.81 -19.13
CA HIS B 331 -0.09 14.88 -18.26
C HIS B 331 -0.10 16.22 -18.96
N MET B 332 0.64 16.32 -20.05
CA MET B 332 0.70 17.54 -20.86
C MET B 332 -0.43 17.55 -21.89
N GLU B 333 -1.20 16.47 -21.92
CA GLU B 333 -2.29 16.28 -22.88
C GLU B 333 -3.63 16.81 -22.35
N TYR B 334 -3.64 17.26 -21.09
CA TYR B 334 -4.81 17.87 -20.49
C TYR B 334 -4.73 19.38 -20.61
N GLU B 335 -5.87 20.03 -20.79
CA GLU B 335 -5.93 21.48 -20.74
C GLU B 335 -5.87 21.92 -19.28
N CYS B 336 -4.69 22.35 -18.86
CA CYS B 336 -4.48 22.82 -17.50
C CYS B 336 -3.70 24.13 -17.52
N PRO B 337 -4.40 25.26 -17.32
CA PRO B 337 -3.78 26.58 -17.39
C PRO B 337 -2.81 26.83 -16.24
N TYR B 338 -2.90 26.03 -15.19
CA TYR B 338 -2.06 26.20 -14.00
C TYR B 338 -0.66 25.58 -14.17
N LEU B 339 -0.55 24.61 -15.08
CA LEU B 339 0.73 24.00 -15.41
C LEU B 339 1.42 24.75 -16.56
N VAL B 340 2.70 25.07 -16.37
CA VAL B 340 3.47 25.81 -17.36
C VAL B 340 4.81 25.13 -17.64
N TYR B 341 5.08 24.84 -18.91
CA TYR B 341 6.38 24.30 -19.33
C TYR B 341 7.20 25.29 -20.14
N VAL B 342 8.47 25.46 -19.78
CA VAL B 342 9.41 26.28 -20.53
C VAL B 342 10.80 25.61 -20.50
N PRO B 343 11.45 25.47 -21.67
CA PRO B 343 12.86 25.05 -21.66
C PRO B 343 13.75 26.25 -21.37
N VAL B 344 14.72 26.07 -20.47
CA VAL B 344 15.54 27.17 -19.97
C VAL B 344 17.03 26.83 -19.93
N VAL B 345 17.86 27.87 -19.78
CA VAL B 345 19.30 27.70 -19.57
C VAL B 345 19.71 28.21 -18.17
N ALA B 346 18.83 29.01 -17.57
CA ALA B 346 19.09 29.60 -16.25
C ALA B 346 17.78 29.98 -15.56
N PHE B 347 17.82 30.05 -14.22
CA PHE B 347 16.64 30.43 -13.43
C PHE B 347 17.05 30.96 -12.05
N ARG B 348 16.11 31.64 -11.40
CA ARG B 348 16.26 32.05 -10.00
C ARG B 348 14.93 31.85 -9.28
N LEU B 349 15.01 31.36 -8.05
CA LEU B 349 13.83 31.13 -7.22
C LEU B 349 14.03 31.63 -5.79
N GLU B 350 13.10 32.45 -5.31
CA GLU B 350 13.18 33.06 -3.98
C GLU B 350 11.86 32.91 -3.23
N PRO B 351 11.73 31.88 -2.39
CA PRO B 351 10.56 31.79 -1.50
C PRO B 351 10.59 32.86 -0.42
N LYS B 352 9.44 33.45 -0.12
CA LYS B 352 9.35 34.57 0.82
C LYS B 352 8.87 34.16 2.22
N LYS B 355 12.16 31.34 4.38
CA LYS B 355 12.90 30.13 3.97
C LYS B 355 12.02 29.15 3.18
N GLY B 356 12.68 28.31 2.39
CA GLY B 356 12.00 27.30 1.58
C GLY B 356 12.73 25.97 1.58
N VAL B 357 11.97 24.89 1.54
CA VAL B 357 12.52 23.53 1.56
C VAL B 357 12.68 22.99 0.13
N PHE B 358 13.92 22.68 -0.23
CA PHE B 358 14.26 22.23 -1.59
C PHE B 358 14.60 20.74 -1.65
N ALA B 359 14.55 20.20 -2.86
CA ALA B 359 15.06 18.87 -3.15
C ALA B 359 16.02 18.93 -4.34
N VAL B 360 17.29 18.67 -4.08
CA VAL B 360 18.32 18.64 -5.13
C VAL B 360 18.68 17.19 -5.39
N ASP B 361 18.39 16.72 -6.60
CA ASP B 361 18.61 15.31 -6.98
C ASP B 361 18.09 14.34 -5.92
N GLY B 362 16.95 14.70 -5.31
CA GLY B 362 16.36 13.93 -4.23
C GLY B 362 16.81 14.40 -2.86
N GLU B 363 18.06 14.84 -2.76
CA GLU B 363 18.66 15.24 -1.49
C GLU B 363 18.13 16.58 -1.00
N LEU B 364 17.74 16.59 0.27
CA LEU B 364 17.08 17.74 0.88
C LEU B 364 18.03 18.87 1.22
N MET B 365 17.61 20.09 0.88
CA MET B 365 18.42 21.28 1.06
C MET B 365 17.51 22.43 1.51
N VAL B 366 18.02 23.25 2.43
CA VAL B 366 17.29 24.42 2.90
C VAL B 366 18.03 25.72 2.58
N SER B 367 17.34 26.63 1.90
CA SER B 367 17.89 27.95 1.58
C SER B 367 16.79 28.96 1.25
N GLU B 368 17.17 30.24 1.24
CA GLU B 368 16.23 31.34 1.01
C GLU B 368 16.19 31.75 -0.46
N ALA B 369 17.35 31.67 -1.12
CA ALA B 369 17.47 32.04 -2.52
C ALA B 369 18.34 31.04 -3.28
N VAL B 370 17.81 30.55 -4.40
CA VAL B 370 18.52 29.59 -5.25
C VAL B 370 18.49 30.06 -6.70
N GLN B 371 19.66 30.10 -7.33
CA GLN B 371 19.75 30.35 -8.77
C GLN B 371 20.71 29.35 -9.43
N GLY B 372 20.41 28.98 -10.67
CA GLY B 372 21.19 27.97 -11.38
C GLY B 372 21.37 28.18 -12.86
N GLN B 373 22.39 27.53 -13.42
CA GLN B 373 22.69 27.59 -14.84
C GLN B 373 23.11 26.21 -15.35
N VAL B 374 22.64 25.86 -16.55
CA VAL B 374 22.99 24.57 -17.16
C VAL B 374 24.26 24.70 -17.97
N HIS B 375 25.14 23.72 -17.82
CA HIS B 375 26.35 23.64 -18.62
C HIS B 375 26.25 22.45 -19.58
N PRO B 376 26.40 22.72 -20.88
CA PRO B 376 26.23 21.66 -21.87
C PRO B 376 27.25 20.55 -21.71
N ASN B 377 26.76 19.30 -21.79
CA ASN B 377 27.62 18.13 -21.95
C ASN B 377 28.89 18.13 -21.09
N TYR B 378 28.70 18.24 -19.78
CA TYR B 378 29.81 18.48 -18.87
C TYR B 378 30.48 17.20 -18.35
N PHE B 379 29.76 16.09 -18.39
CA PHE B 379 30.34 14.80 -18.00
C PHE B 379 29.84 13.63 -18.87
N TRP B 380 30.75 12.67 -19.08
CA TRP B 380 30.41 11.46 -19.81
C TRP B 380 29.64 10.49 -18.92
N MET B 381 28.78 9.71 -19.54
CA MET B 381 28.03 8.66 -18.85
C MET B 381 27.75 7.53 -19.82
N VAL B 382 27.65 6.31 -19.33
CA VAL B 382 27.30 5.17 -20.20
C VAL B 382 25.81 5.19 -20.56
N SER B 383 25.50 4.86 -21.80
CA SER B 383 24.11 4.87 -22.32
C SER B 383 24.05 4.58 -23.81
N MET C 26 0.91 1.28 48.41
CA MET C 26 1.13 0.56 47.12
C MET C 26 2.61 0.24 46.87
N GLY C 27 3.49 0.86 47.67
CA GLY C 27 4.92 0.55 47.63
C GLY C 27 5.81 1.55 46.90
N SER C 28 7.10 1.24 46.83
CA SER C 28 8.09 2.10 46.18
C SER C 28 7.99 2.06 44.65
N GLY C 29 8.53 3.08 44.00
CA GLY C 29 8.42 3.23 42.55
C GLY C 29 9.73 3.05 41.80
N VAL C 30 10.46 1.98 42.14
CA VAL C 30 11.74 1.69 41.50
C VAL C 30 11.97 0.17 41.41
N LEU C 31 12.64 -0.28 40.36
CA LEU C 31 12.97 -1.69 40.20
C LEU C 31 14.35 -1.96 40.79
N PRO C 32 14.55 -3.17 41.36
CA PRO C 32 15.86 -3.54 41.91
C PRO C 32 16.94 -3.62 40.83
N ARG C 33 18.18 -3.31 41.20
CA ARG C 33 19.33 -3.60 40.35
C ARG C 33 20.26 -4.57 41.09
N PRO C 34 20.41 -5.80 40.54
CA PRO C 34 19.80 -6.26 39.30
C PRO C 34 18.36 -6.75 39.50
N CYS C 35 17.65 -6.97 38.39
CA CYS C 35 16.30 -7.52 38.43
C CYS C 35 16.07 -8.59 37.37
N ARG C 36 15.08 -9.44 37.62
CA ARG C 36 14.74 -10.55 36.74
C ARG C 36 13.40 -10.26 36.11
N VAL C 37 13.35 -10.26 34.77
CA VAL C 37 12.18 -9.76 34.06
C VAL C 37 11.58 -10.80 33.10
N LEU C 38 10.26 -10.73 32.91
CA LEU C 38 9.58 -11.61 31.95
C LEU C 38 9.20 -10.81 30.70
N VAL C 39 9.67 -11.26 29.55
CA VAL C 39 9.34 -10.61 28.28
C VAL C 39 8.33 -11.42 27.48
N LEU C 40 7.12 -10.88 27.36
CA LEU C 40 6.09 -11.46 26.53
C LEU C 40 6.13 -10.80 25.15
N LEU C 41 6.56 -11.56 24.16
CA LEU C 41 6.79 -11.03 22.82
C LEU C 41 5.89 -11.69 21.79
N ASN C 42 5.26 -10.88 20.95
CA ASN C 42 4.47 -11.35 19.81
C ASN C 42 5.36 -11.35 18.55
N PRO C 43 5.76 -12.56 18.09
CA PRO C 43 6.66 -12.70 16.94
C PRO C 43 6.10 -12.13 15.64
N ARG C 44 4.78 -12.13 15.49
CA ARG C 44 4.11 -11.57 14.32
C ARG C 44 4.27 -10.05 14.22
N GLY C 45 4.34 -9.38 15.37
CA GLY C 45 4.41 -7.91 15.45
C GLY C 45 5.55 -7.28 14.66
N GLY C 46 5.24 -6.16 14.00
CA GLY C 46 6.21 -5.43 13.18
C GLY C 46 6.66 -6.20 11.95
N LYS C 47 5.71 -6.84 11.28
CA LYS C 47 5.95 -7.69 10.10
C LYS C 47 6.94 -8.85 10.33
N GLY C 48 6.76 -9.54 11.45
CA GLY C 48 7.57 -10.71 11.79
C GLY C 48 9.00 -10.38 12.21
N LYS C 49 9.23 -9.14 12.64
CA LYS C 49 10.56 -8.67 12.98
C LYS C 49 10.74 -8.40 14.48
N ALA C 50 9.66 -8.56 15.25
CA ALA C 50 9.65 -8.27 16.69
C ALA C 50 10.78 -8.95 17.48
N LEU C 51 11.03 -10.22 17.18
CA LEU C 51 12.11 -10.96 17.83
C LEU C 51 13.48 -10.49 17.35
N GLN C 52 13.57 -10.14 16.07
CA GLN C 52 14.79 -9.61 15.49
C GLN C 52 15.09 -8.23 16.07
N LEU C 53 14.02 -7.47 16.33
CA LEU C 53 14.14 -6.15 16.94
C LEU C 53 14.52 -6.23 18.41
N PHE C 54 14.11 -7.29 19.09
CA PHE C 54 14.50 -7.53 20.49
C PHE C 54 16.00 -7.83 20.58
N ARG C 55 16.46 -8.76 19.75
CA ARG C 55 17.87 -9.16 19.73
C ARG C 55 18.84 -8.01 19.40
N SER C 56 18.42 -7.08 18.55
CA SER C 56 19.28 -5.97 18.11
C SER C 56 19.15 -4.68 18.92
N HIS C 57 17.91 -4.28 19.23
CA HIS C 57 17.65 -2.99 19.87
C HIS C 57 17.42 -3.06 21.39
N VAL C 58 16.91 -4.18 21.88
CA VAL C 58 16.53 -4.29 23.29
C VAL C 58 17.56 -5.05 24.14
N GLN C 59 18.01 -6.20 23.63
CA GLN C 59 18.89 -7.09 24.40
C GLN C 59 20.25 -6.48 24.83
N PRO C 60 20.98 -5.81 23.91
CA PRO C 60 22.26 -5.22 24.31
C PRO C 60 22.13 -4.24 25.49
N LEU C 61 21.10 -3.40 25.45
CA LEU C 61 20.86 -2.42 26.51
C LEU C 61 20.45 -3.10 27.82
N LEU C 62 19.71 -4.21 27.72
CA LEU C 62 19.32 -4.97 28.89
C LEU C 62 20.53 -5.59 29.60
N ALA C 63 21.49 -6.04 28.79
CA ALA C 63 22.71 -6.65 29.32
C ALA C 63 23.57 -5.60 30.02
N GLU C 64 23.60 -4.40 29.45
CA GLU C 64 24.33 -3.26 29.99
C GLU C 64 23.75 -2.80 31.33
N ALA C 65 22.42 -2.83 31.44
CA ALA C 65 21.73 -2.36 32.64
C ALA C 65 21.49 -3.45 33.68
N GLU C 66 22.12 -4.61 33.47
CA GLU C 66 22.01 -5.77 34.38
C GLU C 66 20.57 -6.26 34.56
N ILE C 67 19.80 -6.30 33.47
CA ILE C 67 18.47 -6.87 33.50
C ILE C 67 18.45 -8.20 32.76
N SER C 68 18.24 -9.28 33.52
CA SER C 68 18.09 -10.61 32.95
C SER C 68 16.64 -10.81 32.55
N PHE C 69 16.41 -11.71 31.59
CA PHE C 69 15.09 -11.91 31.00
C PHE C 69 14.86 -13.35 30.56
N THR C 70 13.60 -13.72 30.43
CA THR C 70 13.23 -14.92 29.68
C THR C 70 12.14 -14.55 28.68
N LEU C 71 12.41 -14.80 27.41
CA LEU C 71 11.45 -14.55 26.33
C LEU C 71 10.40 -15.63 26.28
N MET C 72 9.14 -15.21 26.26
CA MET C 72 8.00 -16.10 26.11
C MET C 72 7.16 -15.58 24.95
N LEU C 73 6.95 -16.42 23.94
CA LEU C 73 6.30 -15.98 22.70
C LEU C 73 4.79 -16.19 22.72
N THR C 74 4.07 -15.13 22.33
CA THR C 74 2.61 -15.12 22.28
C THR C 74 2.13 -15.59 20.91
N GLU C 75 1.39 -16.69 20.91
CA GLU C 75 0.93 -17.32 19.68
C GLU C 75 -0.36 -16.71 19.14
N ARG C 76 -1.40 -16.67 19.96
CA ARG C 76 -2.72 -16.24 19.52
C ARG C 76 -3.39 -15.25 20.49
N ARG C 77 -4.66 -14.94 20.22
CA ARG C 77 -5.46 -14.06 21.06
C ARG C 77 -5.67 -14.69 22.45
N ASN C 78 -5.55 -13.86 23.49
CA ASN C 78 -5.76 -14.25 24.89
C ASN C 78 -4.78 -15.29 25.44
N HIS C 79 -3.70 -15.53 24.71
CA HIS C 79 -2.65 -16.45 25.14
C HIS C 79 -1.81 -15.85 26.26
N ALA C 80 -1.48 -14.56 26.12
CA ALA C 80 -0.78 -13.81 27.15
C ALA C 80 -1.65 -13.62 28.39
N ARG C 81 -2.95 -13.46 28.16
CA ARG C 81 -3.93 -13.34 29.23
C ARG C 81 -3.94 -14.59 30.11
N GLU C 82 -3.99 -15.76 29.47
CA GLU C 82 -3.98 -17.06 30.15
C GLU C 82 -2.69 -17.29 30.91
N LEU C 83 -1.58 -16.83 30.33
CA LEU C 83 -0.25 -17.00 30.93
C LEU C 83 -0.09 -16.25 32.24
N VAL C 84 -0.35 -14.95 32.22
CA VAL C 84 -0.19 -14.12 33.41
C VAL C 84 -1.18 -14.49 34.51
N ARG C 85 -2.35 -14.99 34.10
CA ARG C 85 -3.39 -15.43 35.04
C ARG C 85 -2.93 -16.64 35.87
N SER C 86 -2.11 -17.49 35.26
CA SER C 86 -1.62 -18.70 35.92
C SER C 86 -0.14 -18.59 36.32
N GLU C 87 0.50 -17.48 35.97
CA GLU C 87 1.91 -17.28 36.22
C GLU C 87 2.25 -17.18 37.71
N GLU C 88 3.34 -17.82 38.10
CA GLU C 88 3.95 -17.57 39.40
C GLU C 88 4.63 -16.20 39.32
N LEU C 89 4.06 -15.21 39.99
CA LEU C 89 4.53 -13.83 39.85
C LEU C 89 5.74 -13.48 40.73
N GLY C 90 5.99 -14.31 41.74
CA GLY C 90 7.11 -14.11 42.67
C GLY C 90 8.48 -14.09 42.01
N ARG C 91 8.65 -14.89 40.95
CA ARG C 91 9.92 -14.99 40.23
C ARG C 91 10.25 -13.76 39.37
N TRP C 92 9.28 -12.88 39.15
CA TRP C 92 9.47 -11.73 38.26
C TRP C 92 9.42 -10.37 38.96
N ASP C 93 10.44 -9.56 38.71
CA ASP C 93 10.50 -8.20 39.21
C ASP C 93 9.59 -7.26 38.40
N ALA C 94 9.39 -7.59 37.13
CA ALA C 94 8.50 -6.83 36.24
C ALA C 94 8.06 -7.66 35.03
N LEU C 95 6.92 -7.31 34.45
CA LEU C 95 6.44 -7.93 33.22
C LEU C 95 6.53 -6.94 32.07
N VAL C 96 7.40 -7.24 31.11
CA VAL C 96 7.54 -6.40 29.92
C VAL C 96 6.82 -7.01 28.71
N VAL C 97 6.03 -6.18 28.05
CA VAL C 97 5.17 -6.58 26.96
C VAL C 97 5.67 -5.97 25.66
N MET C 98 6.27 -6.80 24.81
CA MET C 98 6.77 -6.32 23.53
C MET C 98 5.83 -6.67 22.37
N SER C 99 4.91 -5.76 22.09
CA SER C 99 3.93 -5.91 21.01
C SER C 99 3.21 -4.58 20.76
N GLY C 100 2.00 -4.47 21.30
CA GLY C 100 1.19 -3.25 21.16
C GLY C 100 0.31 -3.00 22.37
N ASP C 101 -0.69 -2.14 22.20
CA ASP C 101 -1.66 -1.86 23.25
C ASP C 101 -2.51 -3.09 23.54
N GLY C 102 -2.75 -3.88 22.50
CA GLY C 102 -3.51 -5.13 22.59
C GLY C 102 -2.97 -6.10 23.62
N LEU C 103 -1.65 -6.32 23.60
CA LEU C 103 -1.03 -7.23 24.57
C LEU C 103 -1.08 -6.68 25.98
N MET C 104 -0.87 -5.37 26.14
CA MET C 104 -0.95 -4.76 27.46
C MET C 104 -2.37 -4.89 28.03
N HIS C 105 -3.37 -4.72 27.17
CA HIS C 105 -4.78 -4.93 27.53
C HIS C 105 -5.01 -6.35 28.04
N GLU C 106 -4.43 -7.33 27.34
CA GLU C 106 -4.52 -8.74 27.71
C GLU C 106 -3.85 -9.04 29.05
N VAL C 107 -2.63 -8.53 29.23
CA VAL C 107 -1.86 -8.75 30.45
C VAL C 107 -2.57 -8.16 31.66
N VAL C 108 -3.02 -6.91 31.55
CA VAL C 108 -3.70 -6.24 32.65
C VAL C 108 -4.98 -6.98 33.05
N ASN C 109 -5.80 -7.32 32.06
CA ASN C 109 -7.03 -8.07 32.29
C ASN C 109 -6.79 -9.46 32.85
N GLY C 110 -5.70 -10.09 32.41
CA GLY C 110 -5.28 -11.38 32.95
C GLY C 110 -4.94 -11.30 34.43
N LEU C 111 -4.20 -10.26 34.81
CA LEU C 111 -3.84 -10.01 36.21
C LEU C 111 -5.09 -9.81 37.07
N MET C 112 -6.03 -9.02 36.54
CA MET C 112 -7.26 -8.67 37.24
C MET C 112 -8.26 -9.81 37.35
N GLU C 113 -8.06 -10.85 36.55
CA GLU C 113 -8.92 -12.04 36.56
C GLU C 113 -8.50 -13.07 37.61
N ARG C 114 -7.30 -12.91 38.15
CA ARG C 114 -6.75 -13.81 39.16
C ARG C 114 -7.51 -13.70 40.49
N PRO C 115 -7.56 -14.81 41.27
CA PRO C 115 -8.07 -14.74 42.64
C PRO C 115 -7.27 -13.79 43.54
N ASP C 116 -5.97 -13.68 43.28
CA ASP C 116 -5.10 -12.76 44.04
C ASP C 116 -4.86 -11.42 43.32
N TRP C 117 -5.85 -10.98 42.55
CA TRP C 117 -5.74 -9.77 41.73
C TRP C 117 -5.20 -8.54 42.48
N GLU C 118 -5.61 -8.39 43.74
CA GLU C 118 -5.29 -7.20 44.54
C GLU C 118 -3.79 -7.00 44.74
N THR C 119 -3.06 -8.10 44.86
CA THR C 119 -1.60 -8.04 44.92
C THR C 119 -0.99 -8.19 43.52
N ALA C 120 -1.67 -8.95 42.66
CA ALA C 120 -1.20 -9.24 41.30
C ALA C 120 -1.05 -7.98 40.44
N ILE C 121 -2.00 -7.06 40.55
CA ILE C 121 -1.99 -5.81 39.79
C ILE C 121 -0.84 -4.86 40.20
N GLN C 122 -0.21 -5.14 41.34
CA GLN C 122 0.92 -4.32 41.82
C GLN C 122 2.27 -4.72 41.21
N LYS C 123 2.25 -5.72 40.33
CA LYS C 123 3.44 -6.10 39.58
C LYS C 123 3.73 -5.06 38.50
N PRO C 124 4.94 -4.46 38.53
CA PRO C 124 5.34 -3.46 37.53
C PRO C 124 5.31 -3.96 36.09
N LEU C 125 4.72 -3.16 35.21
CA LEU C 125 4.56 -3.53 33.80
C LEU C 125 5.40 -2.60 32.92
N CYS C 126 5.82 -3.11 31.76
CA CYS C 126 6.58 -2.31 30.81
C CYS C 126 6.07 -2.51 29.38
N SER C 127 6.02 -1.41 28.63
CA SER C 127 5.49 -1.42 27.27
C SER C 127 6.58 -1.12 26.24
N LEU C 128 6.99 -2.15 25.50
CA LEU C 128 7.98 -1.99 24.43
C LEU C 128 7.32 -2.13 23.06
N PRO C 129 7.41 -1.08 22.22
CA PRO C 129 6.64 -1.04 20.98
C PRO C 129 7.16 -1.96 19.86
N ALA C 130 6.23 -2.60 19.16
CA ALA C 130 6.53 -3.41 17.99
C ALA C 130 5.50 -3.17 16.89
N GLY C 131 5.79 -2.22 16.01
CA GLY C 131 4.94 -1.93 14.86
C GLY C 131 3.69 -1.11 15.14
N SER C 132 2.57 -1.61 14.62
CA SER C 132 1.29 -0.88 14.64
C SER C 132 0.58 -0.90 15.99
N GLY C 133 -0.07 0.21 16.33
CA GLY C 133 -0.89 0.30 17.54
C GLY C 133 -0.12 0.37 18.84
N ASN C 134 0.67 1.43 19.01
CA ASN C 134 1.54 1.59 20.19
C ASN C 134 1.37 2.95 20.90
N ALA C 135 0.12 3.35 21.08
CA ALA C 135 -0.21 4.64 21.70
C ALA C 135 0.32 4.78 23.12
N LEU C 136 0.26 3.69 23.88
CA LEU C 136 0.74 3.65 25.25
C LEU C 136 2.24 3.89 25.35
N ALA C 137 3.00 3.22 24.49
CA ALA C 137 4.45 3.42 24.41
C ALA C 137 4.77 4.86 24.02
N ALA C 138 4.05 5.37 23.02
CA ALA C 138 4.20 6.75 22.56
C ALA C 138 3.94 7.76 23.68
N SER C 139 2.95 7.45 24.53
CA SER C 139 2.56 8.32 25.62
C SER C 139 3.63 8.36 26.70
N LEU C 140 4.17 7.18 27.04
CA LEU C 140 5.23 7.06 28.03
C LEU C 140 6.49 7.76 27.53
N ASN C 141 6.75 7.64 26.22
CA ASN C 141 7.85 8.35 25.57
C ASN C 141 7.69 9.85 25.69
N HIS C 142 6.46 10.33 25.51
CA HIS C 142 6.12 11.74 25.63
C HIS C 142 6.36 12.26 27.04
N TYR C 143 5.83 11.56 28.04
CA TYR C 143 5.98 11.97 29.44
C TYR C 143 7.44 12.08 29.85
N ALA C 144 8.28 11.21 29.27
CA ALA C 144 9.71 11.17 29.58
C ALA C 144 10.49 12.35 29.00
N GLY C 145 9.85 13.10 28.09
CA GLY C 145 10.44 14.31 27.53
C GLY C 145 11.05 14.16 26.14
N TYR C 146 10.99 12.95 25.59
CA TYR C 146 11.55 12.68 24.26
C TYR C 146 10.68 13.23 23.13
N GLU C 147 11.27 13.35 21.95
CA GLU C 147 10.56 13.77 20.74
C GLU C 147 9.53 12.73 20.33
N GLN C 148 8.59 13.13 19.47
CA GLN C 148 7.58 12.22 18.96
C GLN C 148 8.17 11.30 17.89
N VAL C 149 8.93 10.30 18.34
CA VAL C 149 9.64 9.37 17.45
C VAL C 149 8.85 8.09 17.18
N THR C 150 9.25 7.37 16.14
CA THR C 150 8.58 6.13 15.74
C THR C 150 9.56 4.97 15.59
N ASN C 151 9.00 3.77 15.41
CA ASN C 151 9.74 2.55 15.05
C ASN C 151 10.91 2.20 15.99
N GLU C 152 12.11 2.07 15.42
CA GLU C 152 13.30 1.68 16.17
C GLU C 152 13.70 2.73 17.21
N ASP C 153 13.47 3.99 16.90
CA ASP C 153 13.78 5.09 17.81
C ASP C 153 12.86 5.09 19.02
N LEU C 154 11.58 4.81 18.80
CA LEU C 154 10.59 4.68 19.88
C LEU C 154 10.90 3.48 20.76
N LEU C 155 11.36 2.39 20.13
CA LEU C 155 11.72 1.16 20.83
C LEU C 155 12.95 1.35 21.71
N THR C 156 13.94 2.06 21.20
CA THR C 156 15.17 2.36 21.95
C THR C 156 14.84 3.17 23.21
N ASN C 157 14.08 4.26 23.03
CA ASN C 157 13.70 5.13 24.14
C ASN C 157 12.94 4.41 25.25
N CYS C 158 11.97 3.59 24.86
CA CYS C 158 11.19 2.80 25.80
C CYS C 158 12.04 1.73 26.51
N THR C 159 13.05 1.20 25.83
CA THR C 159 14.01 0.28 26.43
C THR C 159 14.88 1.03 27.43
N LEU C 160 15.33 2.22 27.03
CA LEU C 160 16.12 3.08 27.92
C LEU C 160 15.35 3.40 29.19
N LEU C 161 14.03 3.59 29.06
CA LEU C 161 13.15 3.80 30.20
C LEU C 161 13.19 2.62 31.16
N LEU C 162 13.18 1.41 30.60
CA LEU C 162 13.24 0.19 31.40
C LEU C 162 14.59 0.03 32.10
N CYS C 163 15.66 0.44 31.42
CA CYS C 163 17.02 0.37 31.97
C CYS C 163 17.25 1.35 33.12
N ARG C 164 16.50 2.47 33.11
CA ARG C 164 16.57 3.46 34.19
C ARG C 164 15.77 3.04 35.43
N ARG C 165 14.93 2.01 35.27
CA ARG C 165 14.24 1.34 36.39
C ARG C 165 13.21 2.20 37.14
N LEU C 166 12.88 3.36 36.58
CA LEU C 166 11.91 4.25 37.23
C LEU C 166 10.46 3.84 36.95
N LEU C 167 9.64 3.90 37.98
CA LEU C 167 8.24 3.50 37.90
C LEU C 167 7.29 4.68 38.12
N SER C 168 6.06 4.54 37.62
CA SER C 168 5.04 5.55 37.78
C SER C 168 3.65 4.91 37.84
N PRO C 169 2.81 5.38 38.77
CA PRO C 169 1.42 4.88 38.86
C PRO C 169 0.56 5.38 37.69
N MET C 170 -0.27 4.49 37.17
CA MET C 170 -1.12 4.79 36.02
C MET C 170 -2.59 4.58 36.35
N ASN C 171 -3.46 5.30 35.66
CA ASN C 171 -4.90 5.15 35.85
C ASN C 171 -5.42 3.90 35.16
N LEU C 172 -6.48 3.31 35.71
CA LEU C 172 -7.08 2.12 35.13
C LEU C 172 -8.58 2.35 34.93
N LEU C 173 -9.04 2.11 33.71
CA LEU C 173 -10.45 2.26 33.38
C LEU C 173 -11.19 0.95 33.62
N SER C 174 -12.15 0.98 34.55
CA SER C 174 -13.03 -0.15 34.79
C SER C 174 -14.26 -0.04 33.89
N LEU C 175 -14.58 -1.13 33.18
CA LEU C 175 -15.68 -1.12 32.22
C LEU C 175 -16.73 -2.21 32.49
N HIS C 176 -18.00 -1.83 32.30
CA HIS C 176 -19.13 -2.75 32.45
C HIS C 176 -19.96 -2.77 31.17
N THR C 177 -20.27 -3.96 30.65
CA THR C 177 -21.08 -4.09 29.45
C THR C 177 -22.50 -4.51 29.78
N ALA C 178 -23.39 -4.43 28.79
CA ALA C 178 -24.80 -4.79 28.94
C ALA C 178 -25.01 -6.25 29.33
N SER C 179 -24.22 -7.15 28.74
CA SER C 179 -24.32 -8.58 29.02
C SER C 179 -23.83 -8.96 30.42
N GLY C 180 -23.20 -8.02 31.11
CA GLY C 180 -22.71 -8.23 32.47
C GLY C 180 -21.22 -8.52 32.56
N LEU C 181 -20.53 -8.33 31.44
CA LEU C 181 -19.08 -8.54 31.37
C LEU C 181 -18.33 -7.36 32.01
N ARG C 182 -17.34 -7.69 32.84
CA ARG C 182 -16.51 -6.69 33.48
C ARG C 182 -15.09 -6.82 32.99
N LEU C 183 -14.59 -5.75 32.36
CA LEU C 183 -13.22 -5.72 31.83
C LEU C 183 -12.51 -4.42 32.19
N PHE C 184 -11.22 -4.36 31.90
CA PHE C 184 -10.41 -3.19 32.22
C PHE C 184 -9.65 -2.66 31.01
N SER C 185 -9.43 -1.35 31.00
CA SER C 185 -8.83 -0.67 29.87
C SER C 185 -7.69 0.23 30.34
N VAL C 186 -6.53 0.10 29.69
CA VAL C 186 -5.34 0.87 30.08
C VAL C 186 -5.12 2.12 29.22
N LEU C 187 -5.79 2.18 28.08
CA LEU C 187 -5.57 3.28 27.15
C LEU C 187 -6.86 4.00 26.75
N SER C 188 -7.78 3.28 26.12
CA SER C 188 -8.94 3.92 25.49
C SER C 188 -10.15 3.02 25.27
N LEU C 189 -11.33 3.64 25.33
CA LEU C 189 -12.55 3.07 24.76
C LEU C 189 -13.04 4.01 23.66
N ALA C 190 -13.25 3.45 22.47
CA ALA C 190 -13.73 4.22 21.33
C ALA C 190 -15.05 3.66 20.78
N TRP C 191 -15.89 4.55 20.27
CA TRP C 191 -17.14 4.20 19.63
C TRP C 191 -17.37 5.14 18.46
N GLY C 192 -17.85 4.60 17.35
CA GLY C 192 -18.07 5.39 16.16
C GLY C 192 -16.89 5.38 15.22
N PHE C 193 -16.60 6.53 14.61
CA PHE C 193 -15.60 6.67 13.56
C PHE C 193 -14.30 5.94 13.88
N ILE C 194 -13.69 6.29 15.01
CA ILE C 194 -12.41 5.70 15.43
C ILE C 194 -12.51 4.18 15.53
N ALA C 195 -13.55 3.70 16.24
CA ALA C 195 -13.75 2.27 16.46
C ALA C 195 -13.97 1.47 15.17
N ASP C 196 -14.74 2.04 14.25
CA ASP C 196 -14.96 1.43 12.94
C ASP C 196 -13.66 1.31 12.14
N VAL C 197 -12.85 2.37 12.17
CA VAL C 197 -11.56 2.37 11.50
C VAL C 197 -10.63 1.35 12.15
N ASP C 198 -10.64 1.28 13.49
CA ASP C 198 -9.85 0.28 14.22
C ASP C 198 -10.04 -1.12 13.66
N LEU C 199 -11.30 -1.53 13.50
CA LEU C 199 -11.64 -2.85 12.97
C LEU C 199 -11.33 -2.98 11.49
N GLU C 200 -11.83 -2.02 10.70
CA GLU C 200 -11.73 -2.08 9.24
C GLU C 200 -10.31 -1.88 8.70
N SER C 201 -9.46 -1.20 9.47
CA SER C 201 -8.08 -0.93 9.03
C SER C 201 -7.15 -2.13 9.22
N GLU C 202 -7.69 -3.24 9.70
CA GLU C 202 -6.89 -4.43 9.95
C GLU C 202 -6.57 -5.21 8.68
N LYS C 203 -7.29 -4.90 7.61
CA LYS C 203 -7.02 -5.49 6.29
C LYS C 203 -6.11 -4.59 5.42
N TYR C 204 -5.52 -3.57 6.05
CA TYR C 204 -4.44 -2.81 5.44
C TYR C 204 -3.23 -2.88 6.38
N ARG C 205 -3.10 -4.03 7.05
CA ARG C 205 -2.11 -4.27 8.09
C ARG C 205 -0.66 -4.06 7.65
N ARG C 206 -0.35 -4.42 6.40
CA ARG C 206 1.03 -4.34 5.90
C ARG C 206 1.47 -2.92 5.49
N LEU C 207 0.62 -1.93 5.75
CA LEU C 207 0.99 -0.53 5.58
C LEU C 207 1.64 0.03 6.85
N GLY C 208 1.45 -0.67 7.96
CA GLY C 208 2.00 -0.26 9.25
C GLY C 208 1.04 0.64 10.00
N GLU C 209 1.56 1.73 10.56
CA GLU C 209 0.78 2.67 11.36
C GLU C 209 -0.16 3.54 10.51
N MET C 210 0.20 3.74 9.24
CA MET C 210 -0.61 4.60 8.37
C MET C 210 -1.87 3.91 7.86
N ARG C 211 -2.13 2.71 8.37
CA ARG C 211 -3.38 2.00 8.09
C ARG C 211 -4.58 2.74 8.67
N PHE C 212 -4.36 3.43 9.79
CA PHE C 212 -5.38 4.24 10.43
C PHE C 212 -5.65 5.51 9.64
N THR C 213 -4.64 5.98 8.91
CA THR C 213 -4.78 7.14 8.02
C THR C 213 -5.59 6.76 6.77
N LEU C 214 -5.22 5.66 6.13
CA LEU C 214 -5.96 5.17 4.95
C LEU C 214 -7.41 4.82 5.31
N GLY C 215 -7.60 4.16 6.45
CA GLY C 215 -8.92 3.82 6.95
C GLY C 215 -9.78 5.03 7.25
N THR C 216 -9.17 6.08 7.81
CA THR C 216 -9.83 7.35 8.08
C THR C 216 -10.28 8.00 6.76
N PHE C 217 -9.37 8.03 5.78
CA PHE C 217 -9.65 8.57 4.46
C PHE C 217 -10.84 7.88 3.80
N LEU C 218 -10.90 6.55 3.94
CA LEU C 218 -12.00 5.77 3.37
C LEU C 218 -13.31 5.97 4.12
N ARG C 219 -13.26 5.93 5.44
CA ARG C 219 -14.44 6.12 6.28
C ARG C 219 -14.93 7.58 6.27
N LEU C 220 -14.07 8.49 5.83
CA LEU C 220 -14.45 9.89 5.69
C LEU C 220 -15.31 10.08 4.44
N ALA C 221 -14.93 9.40 3.36
CA ALA C 221 -15.70 9.44 2.11
C ALA C 221 -17.07 8.77 2.26
N ALA C 222 -17.09 7.63 2.96
CA ALA C 222 -18.35 6.94 3.28
C ALA C 222 -18.80 7.31 4.69
N LEU C 223 -18.85 8.61 4.97
CA LEU C 223 -19.09 9.15 6.31
C LEU C 223 -20.43 8.72 6.90
N ARG C 224 -20.35 8.09 8.08
CA ARG C 224 -21.51 7.64 8.83
C ARG C 224 -21.71 8.47 10.09
N THR C 225 -22.93 8.48 10.60
CA THR C 225 -23.22 8.97 11.94
C THR C 225 -23.81 7.83 12.76
N TYR C 226 -23.75 7.98 14.09
CA TYR C 226 -24.15 6.92 15.01
C TYR C 226 -25.10 7.48 16.05
N ARG C 227 -26.23 6.82 16.23
CA ARG C 227 -27.23 7.23 17.22
C ARG C 227 -26.95 6.56 18.56
N GLY C 228 -26.97 7.34 19.63
CA GLY C 228 -26.68 6.85 20.97
C GLY C 228 -26.80 7.92 22.02
N ARG C 229 -26.86 7.50 23.29
CA ARG C 229 -26.99 8.44 24.41
C ARG C 229 -25.73 8.42 25.28
N LEU C 230 -25.18 9.60 25.51
CA LEU C 230 -23.96 9.76 26.30
C LEU C 230 -24.27 10.51 27.59
N ALA C 231 -23.86 9.91 28.71
CA ALA C 231 -23.89 10.59 29.99
C ALA C 231 -22.51 10.47 30.62
N TYR C 232 -22.10 11.49 31.38
CA TYR C 232 -20.82 11.45 32.05
C TYR C 232 -20.80 12.18 33.40
N LEU C 233 -19.75 11.93 34.17
CA LEU C 233 -19.54 12.61 35.43
C LEU C 233 -18.22 13.38 35.37
N PRO C 234 -18.31 14.71 35.18
CA PRO C 234 -17.13 15.55 35.01
C PRO C 234 -16.28 15.61 36.27
N VAL C 235 -15.04 16.06 36.12
CA VAL C 235 -14.03 15.94 37.16
C VAL C 235 -14.28 16.83 38.39
N GLY C 236 -14.99 17.94 38.19
CA GLY C 236 -15.30 18.87 39.28
C GLY C 236 -16.46 18.38 40.13
N ARG C 237 -17.46 19.23 40.28
CA ARG C 237 -18.71 18.95 41.02
C ARG C 237 -18.58 17.87 42.11
N GLY C 252 -12.44 -7.68 41.75
CA GLY C 252 -12.15 -6.36 41.24
C GLY C 252 -12.50 -5.23 42.21
N PRO C 253 -12.08 -3.99 41.89
CA PRO C 253 -12.36 -2.82 42.74
C PRO C 253 -13.83 -2.42 42.72
N VAL C 254 -14.22 -1.59 43.68
CA VAL C 254 -15.58 -1.09 43.79
C VAL C 254 -15.71 0.18 42.95
N ASP C 255 -16.66 0.16 42.01
CA ASP C 255 -16.95 1.34 41.19
C ASP C 255 -18.05 2.16 41.86
N ALA C 256 -17.64 3.02 42.79
CA ALA C 256 -18.57 3.78 43.62
C ALA C 256 -19.39 4.83 42.88
N HIS C 257 -18.84 5.35 41.78
CA HIS C 257 -19.52 6.38 40.98
C HIS C 257 -20.56 5.83 40.01
N LEU C 258 -20.71 4.50 39.97
CA LEU C 258 -21.60 3.86 39.01
C LEU C 258 -22.80 3.16 39.66
N VAL C 259 -23.92 3.19 38.94
CA VAL C 259 -25.11 2.40 39.28
C VAL C 259 -25.45 1.51 38.09
N PRO C 260 -26.13 0.36 38.32
CA PRO C 260 -26.47 -0.61 37.26
C PRO C 260 -27.04 0.03 35.98
N LEU C 261 -26.73 -0.60 34.84
CA LEU C 261 -27.18 -0.13 33.52
C LEU C 261 -28.70 -0.18 33.35
N GLU C 262 -29.38 -0.97 34.17
CA GLU C 262 -30.84 -1.04 34.18
C GLU C 262 -31.44 0.23 34.80
N GLU C 263 -30.72 0.82 35.75
CA GLU C 263 -31.13 2.08 36.38
C GLU C 263 -30.72 3.26 35.52
N PRO C 264 -31.49 4.37 35.58
CA PRO C 264 -31.09 5.61 34.91
C PRO C 264 -29.89 6.27 35.59
N VAL C 265 -29.23 7.17 34.88
CA VAL C 265 -28.06 7.88 35.41
C VAL C 265 -28.41 8.84 36.56
N PRO C 266 -27.52 8.95 37.56
CA PRO C 266 -27.65 9.90 38.67
C PRO C 266 -27.92 11.34 38.21
N SER C 267 -28.59 12.12 39.07
CA SER C 267 -29.02 13.47 38.73
C SER C 267 -27.87 14.48 38.59
N HIS C 268 -26.78 14.27 39.32
CA HIS C 268 -25.63 15.17 39.27
C HIS C 268 -24.70 14.91 38.06
N TRP C 269 -24.99 13.86 37.31
CA TRP C 269 -24.29 13.55 36.06
C TRP C 269 -24.75 14.46 34.93
N THR C 270 -23.85 14.77 34.01
CA THR C 270 -24.18 15.56 32.84
C THR C 270 -24.70 14.64 31.72
N VAL C 271 -25.95 14.88 31.31
CA VAL C 271 -26.57 14.12 30.22
C VAL C 271 -26.45 14.94 28.94
N VAL C 272 -25.68 14.42 27.99
CA VAL C 272 -25.52 15.08 26.68
C VAL C 272 -26.86 15.07 25.95
N PRO C 273 -27.35 16.27 25.56
CA PRO C 273 -28.63 16.38 24.86
C PRO C 273 -28.55 15.87 23.42
N ASP C 274 -27.38 15.97 22.81
CA ASP C 274 -27.16 15.50 21.44
C ASP C 274 -27.15 13.98 21.40
N GLU C 275 -27.85 13.42 20.42
CA GLU C 275 -27.96 11.97 20.28
C GLU C 275 -27.50 11.50 18.90
N ASP C 276 -26.79 12.38 18.20
CA ASP C 276 -26.14 12.06 16.94
C ASP C 276 -24.65 12.36 17.02
N PHE C 277 -23.83 11.30 16.95
CA PHE C 277 -22.38 11.43 17.05
C PHE C 277 -21.68 10.89 15.81
N VAL C 278 -20.42 11.29 15.62
CA VAL C 278 -19.55 10.62 14.66
C VAL C 278 -18.51 9.77 15.41
N LEU C 279 -18.11 10.23 16.59
CA LEU C 279 -17.15 9.53 17.44
C LEU C 279 -17.33 9.88 18.91
N VAL C 280 -17.03 8.92 19.79
CA VAL C 280 -16.94 9.13 21.23
C VAL C 280 -15.68 8.42 21.72
N LEU C 281 -14.79 9.19 22.35
CA LEU C 281 -13.54 8.63 22.86
C LEU C 281 -13.31 8.91 24.33
N ALA C 282 -13.04 7.84 25.09
CA ALA C 282 -12.47 7.96 26.42
C ALA C 282 -11.00 7.57 26.29
N LEU C 283 -10.10 8.45 26.75
CA LEU C 283 -8.67 8.23 26.57
C LEU C 283 -7.90 8.59 27.83
N LEU C 284 -7.10 7.64 28.31
CA LEU C 284 -6.38 7.79 29.58
C LEU C 284 -5.01 8.46 29.44
N HIS C 285 -4.54 8.62 28.19
CA HIS C 285 -3.19 9.14 27.95
C HIS C 285 -3.15 10.20 26.86
N SER C 286 -1.95 10.66 26.51
CA SER C 286 -1.77 11.76 25.58
C SER C 286 -1.92 11.33 24.12
N HIS C 287 -1.50 10.11 23.80
CA HIS C 287 -1.47 9.64 22.42
C HIS C 287 -2.49 8.56 22.07
N LEU C 288 -2.94 8.60 20.82
CA LEU C 288 -3.88 7.65 20.26
C LEU C 288 -3.11 6.69 19.36
N GLY C 289 -1.89 7.10 19.03
CA GLY C 289 -0.94 6.33 18.24
C GLY C 289 0.38 7.06 18.31
N SER C 290 1.45 6.46 17.79
CA SER C 290 2.80 7.04 17.88
C SER C 290 2.92 8.40 17.20
N GLU C 291 2.00 8.69 16.27
CA GLU C 291 1.95 10.00 15.63
C GLU C 291 0.55 10.60 15.69
N MET C 292 -0.18 10.28 16.76
CA MET C 292 -1.49 10.85 17.01
C MET C 292 -1.56 11.45 18.42
N PHE C 293 -1.11 12.70 18.51
CA PHE C 293 -1.06 13.42 19.78
C PHE C 293 -2.43 14.02 20.10
N ALA C 294 -3.34 13.14 20.54
CA ALA C 294 -4.76 13.46 20.69
C ALA C 294 -5.10 14.39 21.86
N ALA C 295 -4.31 14.33 22.92
CA ALA C 295 -4.58 15.13 24.11
C ALA C 295 -3.37 15.97 24.54
N PRO C 296 -3.16 17.12 23.87
CA PRO C 296 -2.00 17.97 24.18
C PRO C 296 -2.17 18.85 25.42
N MET C 297 -3.34 18.80 26.06
CA MET C 297 -3.62 19.66 27.22
C MET C 297 -2.93 19.25 28.53
N GLY C 298 -1.98 18.32 28.44
CA GLY C 298 -1.22 17.88 29.60
C GLY C 298 -1.56 16.48 30.08
N ARG C 299 -0.57 15.84 30.70
CA ARG C 299 -0.72 14.49 31.25
C ARG C 299 -1.84 14.41 32.28
N CYS C 300 -2.63 13.34 32.23
CA CYS C 300 -3.74 13.12 33.15
C CYS C 300 -3.31 13.02 34.60
N ALA C 301 -4.02 13.74 35.46
CA ALA C 301 -3.86 13.60 36.90
C ALA C 301 -4.52 12.31 37.37
N ALA C 302 -4.21 11.90 38.59
CA ALA C 302 -4.76 10.66 39.17
C ALA C 302 -6.30 10.63 39.14
N GLY C 303 -6.85 9.53 38.64
CA GLY C 303 -8.29 9.31 38.59
C GLY C 303 -9.04 10.19 37.60
N VAL C 304 -8.36 10.62 36.55
CA VAL C 304 -8.95 11.47 35.53
C VAL C 304 -8.63 10.96 34.14
N MET C 305 -9.66 10.87 33.30
CA MET C 305 -9.48 10.52 31.89
C MET C 305 -10.11 11.55 30.97
N HIS C 306 -9.51 11.72 29.79
CA HIS C 306 -10.05 12.60 28.76
C HIS C 306 -11.31 11.99 28.15
N LEU C 307 -12.32 12.83 27.95
CA LEU C 307 -13.48 12.43 27.17
C LEU C 307 -13.61 13.36 25.97
N PHE C 308 -13.53 12.77 24.78
CA PHE C 308 -13.77 13.47 23.54
C PHE C 308 -15.07 12.94 22.93
N TYR C 309 -15.80 13.83 22.26
CA TYR C 309 -16.87 13.41 21.36
C TYR C 309 -17.13 14.46 20.29
N VAL C 310 -17.40 13.99 19.08
CA VAL C 310 -17.76 14.85 17.97
C VAL C 310 -19.19 14.55 17.52
N ARG C 311 -20.05 15.57 17.59
CA ARG C 311 -21.46 15.45 17.22
C ARG C 311 -21.70 15.71 15.74
N ALA C 312 -22.72 15.06 15.19
CA ALA C 312 -23.07 15.16 13.76
C ALA C 312 -23.31 16.59 13.29
N GLY C 313 -22.95 16.86 12.04
CA GLY C 313 -23.08 18.19 11.46
C GLY C 313 -21.75 18.79 11.06
N VAL C 314 -20.68 18.28 11.68
CA VAL C 314 -19.31 18.65 11.29
C VAL C 314 -19.08 18.26 9.83
N SER C 315 -18.41 19.12 9.07
CA SER C 315 -18.13 18.86 7.67
C SER C 315 -16.99 17.86 7.52
N ARG C 316 -17.02 17.07 6.45
CA ARG C 316 -16.00 16.06 6.17
C ARG C 316 -14.62 16.70 6.00
N ALA C 317 -14.61 17.95 5.51
CA ALA C 317 -13.38 18.73 5.39
C ALA C 317 -12.83 19.11 6.77
N MET C 318 -13.74 19.37 7.71
CA MET C 318 -13.35 19.74 9.07
C MET C 318 -12.83 18.55 9.87
N LEU C 319 -13.40 17.38 9.64
CA LEU C 319 -12.91 16.14 10.26
C LEU C 319 -11.51 15.80 9.77
N LEU C 320 -11.25 16.07 8.49
CA LEU C 320 -9.92 15.85 7.90
C LEU C 320 -8.91 16.83 8.49
N ARG C 321 -9.35 18.08 8.68
CA ARG C 321 -8.53 19.13 9.26
C ARG C 321 -8.07 18.74 10.68
N LEU C 322 -9.02 18.27 11.48
CA LEU C 322 -8.77 17.86 12.86
C LEU C 322 -7.88 16.62 12.97
N PHE C 323 -8.13 15.63 12.11
CA PHE C 323 -7.32 14.41 12.07
C PHE C 323 -5.86 14.72 11.75
N LEU C 324 -5.64 15.57 10.75
CA LEU C 324 -4.28 15.92 10.34
C LEU C 324 -3.58 16.84 11.33
N ALA C 325 -4.38 17.66 12.03
CA ALA C 325 -3.86 18.55 13.07
C ALA C 325 -3.47 17.79 14.34
N MET C 326 -4.03 16.60 14.49
CA MET C 326 -3.81 15.74 15.66
C MET C 326 -2.36 15.21 15.77
N GLU C 327 -1.66 15.17 14.63
CA GLU C 327 -0.28 14.66 14.60
C GLU C 327 0.65 15.45 15.54
N LYS C 328 0.47 16.77 15.56
CA LYS C 328 1.34 17.64 16.36
C LYS C 328 0.58 18.34 17.48
N GLY C 329 -0.61 17.85 17.79
CA GLY C 329 -1.47 18.38 18.84
C GLY C 329 -1.90 19.82 18.59
N ARG C 330 -2.57 20.03 17.46
CA ARG C 330 -3.02 21.36 17.06
C ARG C 330 -4.51 21.40 16.73
N HIS C 331 -5.18 20.26 16.87
CA HIS C 331 -6.61 20.14 16.58
C HIS C 331 -7.49 20.86 17.59
N MET C 332 -6.94 21.11 18.78
CA MET C 332 -7.65 21.85 19.83
C MET C 332 -7.68 23.35 19.55
N GLU C 333 -6.74 23.82 18.73
CA GLU C 333 -6.59 25.23 18.39
C GLU C 333 -7.73 25.75 17.51
N TYR C 334 -8.31 24.86 16.70
CA TYR C 334 -9.44 25.21 15.84
C TYR C 334 -10.69 25.39 16.67
N GLU C 335 -11.53 26.35 16.31
CA GLU C 335 -12.84 26.47 16.93
C GLU C 335 -13.84 25.58 16.21
N CYS C 336 -14.20 24.48 16.87
CA CYS C 336 -15.17 23.54 16.33
C CYS C 336 -16.21 23.26 17.41
N PRO C 337 -17.42 23.81 17.23
CA PRO C 337 -18.52 23.60 18.18
C PRO C 337 -18.96 22.14 18.23
N TYR C 338 -18.52 21.34 17.24
CA TYR C 338 -18.89 19.94 17.14
C TYR C 338 -17.95 19.00 17.92
N LEU C 339 -16.69 19.41 18.07
CA LEU C 339 -15.74 18.70 18.92
C LEU C 339 -15.78 19.22 20.35
N VAL C 340 -16.17 18.35 21.28
CA VAL C 340 -16.27 18.69 22.70
C VAL C 340 -15.26 17.88 23.53
N TYR C 341 -14.55 18.55 24.42
CA TYR C 341 -13.65 17.90 25.36
C TYR C 341 -14.03 18.15 26.82
N VAL C 342 -14.11 17.08 27.60
CA VAL C 342 -14.36 17.18 29.06
C VAL C 342 -13.45 16.19 29.80
N PRO C 343 -12.79 16.64 30.89
CA PRO C 343 -12.12 15.68 31.76
C PRO C 343 -13.15 15.02 32.67
N VAL C 344 -13.12 13.69 32.77
CA VAL C 344 -14.16 12.94 33.47
C VAL C 344 -13.62 11.86 34.42
N VAL C 345 -14.45 11.47 35.38
CA VAL C 345 -14.14 10.34 36.26
C VAL C 345 -14.98 9.11 35.90
N ALA C 346 -16.11 9.35 35.23
CA ALA C 346 -17.04 8.28 34.84
C ALA C 346 -17.85 8.66 33.59
N PHE C 347 -18.38 7.65 32.90
CA PHE C 347 -19.23 7.85 31.72
C PHE C 347 -20.18 6.68 31.50
N ARG C 348 -21.20 6.91 30.67
CA ARG C 348 -22.08 5.86 30.17
C ARG C 348 -22.40 6.14 28.70
N LEU C 349 -22.41 5.09 27.89
CA LEU C 349 -22.71 5.21 26.47
C LEU C 349 -23.65 4.09 26.02
N GLU C 350 -24.82 4.49 25.51
CA GLU C 350 -25.85 3.56 25.07
C GLU C 350 -26.19 3.81 23.60
N PRO C 351 -25.66 2.97 22.69
CA PRO C 351 -25.96 3.11 21.26
C PRO C 351 -27.39 2.74 20.92
N LYS C 352 -28.13 3.67 20.34
CA LYS C 352 -29.50 3.42 19.85
C LYS C 352 -29.43 2.61 18.56
N ASP C 353 -29.23 1.29 18.71
CA ASP C 353 -29.06 0.37 17.60
C ASP C 353 -29.26 -1.05 18.13
N GLY C 354 -28.67 -2.03 17.45
CA GLY C 354 -28.57 -3.37 17.98
C GLY C 354 -27.38 -3.40 18.92
N LYS C 355 -26.35 -4.17 18.54
CA LYS C 355 -25.10 -4.20 19.30
C LYS C 355 -24.07 -3.26 18.66
N GLY C 356 -23.68 -2.23 19.41
CA GLY C 356 -22.71 -1.24 18.94
C GLY C 356 -21.28 -1.76 18.89
N VAL C 357 -20.54 -1.30 17.89
CA VAL C 357 -19.14 -1.67 17.69
C VAL C 357 -18.19 -0.74 18.44
N PHE C 358 -17.41 -1.31 19.36
CA PHE C 358 -16.47 -0.55 20.19
C PHE C 358 -15.03 -0.96 19.91
N ALA C 359 -14.09 -0.11 20.33
CA ALA C 359 -12.68 -0.48 20.37
C ALA C 359 -12.14 -0.25 21.78
N VAL C 360 -11.68 -1.31 22.42
CA VAL C 360 -11.14 -1.26 23.78
C VAL C 360 -9.63 -1.44 23.70
N ASP C 361 -8.89 -0.38 24.00
CA ASP C 361 -7.43 -0.37 23.82
C ASP C 361 -7.05 -0.86 22.42
N GLY C 362 -7.90 -0.53 21.45
CA GLY C 362 -7.71 -0.94 20.05
C GLY C 362 -8.33 -2.27 19.69
N GLU C 363 -8.86 -2.99 20.69
CA GLU C 363 -9.43 -4.32 20.48
C GLU C 363 -10.94 -4.27 20.27
N LEU C 364 -11.40 -5.02 19.27
CA LEU C 364 -12.80 -5.09 18.90
C LEU C 364 -13.65 -5.70 20.01
N MET C 365 -14.71 -4.99 20.38
CA MET C 365 -15.72 -5.52 21.28
C MET C 365 -17.09 -5.01 20.85
N VAL C 366 -18.09 -5.88 20.96
CA VAL C 366 -19.44 -5.56 20.51
C VAL C 366 -20.41 -5.64 21.69
N SER C 367 -21.08 -4.54 22.01
CA SER C 367 -22.08 -4.51 23.07
C SER C 367 -23.14 -3.44 22.81
N GLU C 368 -24.31 -3.63 23.40
CA GLU C 368 -25.44 -2.70 23.24
C GLU C 368 -25.46 -1.57 24.28
N ALA C 369 -24.56 -1.65 25.26
CA ALA C 369 -24.42 -0.63 26.30
C ALA C 369 -23.11 -0.80 27.05
N VAL C 370 -22.50 0.32 27.45
CA VAL C 370 -21.24 0.30 28.20
C VAL C 370 -21.13 1.49 29.15
N GLN C 371 -20.51 1.27 30.30
CA GLN C 371 -20.22 2.33 31.26
C GLN C 371 -18.91 2.08 31.99
N GLY C 372 -18.18 3.16 32.29
CA GLY C 372 -16.87 3.03 32.91
C GLY C 372 -16.54 4.05 33.99
N GLN C 373 -15.60 3.68 34.85
CA GLN C 373 -15.09 4.58 35.88
C GLN C 373 -13.58 4.41 36.00
N VAL C 374 -12.85 5.52 35.91
CA VAL C 374 -11.39 5.50 36.02
C VAL C 374 -10.96 5.41 37.50
N HIS C 375 -9.99 4.53 37.76
CA HIS C 375 -9.43 4.38 39.11
C HIS C 375 -8.03 5.02 39.20
N PRO C 376 -7.83 5.90 40.20
CA PRO C 376 -6.58 6.65 40.37
C PRO C 376 -5.39 5.76 40.67
N ASN C 377 -4.29 6.00 39.94
CA ASN C 377 -2.99 5.39 40.21
C ASN C 377 -3.10 3.93 40.69
N TYR C 378 -3.55 3.07 39.81
CA TYR C 378 -3.95 1.72 40.19
C TYR C 378 -2.88 0.67 39.95
N PHE C 379 -1.99 0.91 38.99
CA PHE C 379 -0.91 -0.01 38.69
C PHE C 379 0.40 0.70 38.32
N TRP C 380 1.51 0.00 38.43
CA TRP C 380 2.84 0.53 38.11
C TRP C 380 3.24 0.26 36.68
N MET C 381 3.67 1.30 35.98
CA MET C 381 4.36 1.13 34.70
C MET C 381 5.70 1.82 34.67
N VAL C 382 6.64 1.20 33.95
CA VAL C 382 7.95 1.79 33.68
C VAL C 382 7.75 3.11 32.94
N SER C 383 8.24 4.19 33.55
CA SER C 383 8.03 5.54 33.02
C SER C 383 9.18 6.48 33.39
N GLY C 384 9.38 7.50 32.57
CA GLY C 384 10.42 8.50 32.80
C GLY C 384 9.88 9.77 33.43
C13 1V2 D . -18.15 -3.61 -8.76
C14 1V2 D . -19.29 -4.38 -8.95
CL1 1V2 D . -19.16 -5.93 -9.68
C15 1V2 D . -20.54 -3.91 -8.57
CL2 1V2 D . -21.91 -4.92 -8.83
C16 1V2 D . -20.66 -2.65 -7.98
C17 1V2 D . -19.52 -1.87 -7.78
C12 1V2 D . -18.27 -2.35 -8.17
C11 1V2 D . -17.11 -1.59 -7.99
N3 1V2 D . -15.87 -2.07 -8.23
C10 1V2 D . -17.14 -0.31 -7.59
S1 1V2 D . -15.55 0.22 -7.52
C9 1V2 D . -14.87 -1.21 -8.01
N1 1V2 D . -13.56 -1.41 -8.16
C1 1V2 D . -12.92 -2.56 -8.36
C3 1V2 D . -11.60 -2.50 -8.79
C5 1V2 D . -10.86 -3.66 -9.01
C2 1V2 D . -13.51 -3.81 -8.16
C4 1V2 D . -12.77 -4.98 -8.39
C6 1V2 D . -11.44 -4.91 -8.81
C7 1V2 D . -10.61 -6.17 -9.08
C8 1V2 D . -11.34 -7.20 -9.95
N2 1V2 D . -10.42 -8.21 -10.51
C22 1V2 D . -9.56 -8.76 -9.43
C21 1V2 D . -8.62 -9.84 -9.95
C20 1V2 D . -9.45 -10.99 -10.56
O2 1V2 D . -8.57 -12.01 -11.06
C19 1V2 D . -10.31 -10.43 -11.69
C18 1V2 D . -11.21 -9.28 -11.19
C23 1V2 D . -12.02 -8.72 -12.37
O1 1V2 D . -11.18 -8.34 -13.45
C13 1V2 E . 4.70 16.82 -11.35
C14 1V2 E . 5.03 17.39 -12.57
CL1 1V2 E . 6.68 17.49 -13.06
C15 1V2 E . 4.04 17.88 -13.42
CL2 1V2 E . 4.53 18.58 -14.93
C16 1V2 E . 2.71 17.81 -13.05
C17 1V2 E . 2.37 17.23 -11.83
C12 1V2 E . 3.36 16.74 -10.98
C11 1V2 E . 3.03 16.18 -9.75
N3 1V2 E . 3.97 15.75 -8.87
C10 1V2 E . 1.76 16.04 -9.32
S1 1V2 E . 1.82 15.34 -7.79
C9 1V2 E . 3.49 15.24 -7.73
N1 1V2 E . 4.18 14.76 -6.70
C1 1V2 E . 5.40 14.19 -6.74
C3 1V2 E . 6.03 13.92 -5.53
C5 1V2 E . 7.30 13.34 -5.49
C2 1V2 E . 6.06 13.88 -7.93
C4 1V2 E . 7.33 13.30 -7.90
C6 1V2 E . 7.95 13.03 -6.69
C7 1V2 E . 9.34 12.38 -6.65
C8 1V2 E . 10.47 13.36 -7.00
N2 1V2 E . 11.81 12.83 -6.66
C22 1V2 E . 11.81 11.35 -6.65
C21 1V2 E . 13.19 10.79 -6.30
C20 1V2 E . 14.27 11.33 -7.26
O2 1V2 E . 15.55 10.86 -6.83
C19 1V2 E . 14.24 12.86 -7.27
C18 1V2 E . 12.82 13.35 -7.62
C23 1V2 E . 12.81 14.90 -7.69
O1 1V2 E . 13.07 15.49 -6.42
C13 1V2 F . -10.01 12.18 16.86
C14 1V2 F . -9.93 12.94 18.03
CL1 1V2 F . -9.59 12.19 19.54
C15 1V2 F . -10.15 14.31 17.99
CL2 1V2 F . -10.04 15.22 19.46
C16 1V2 F . -10.42 14.94 16.78
C17 1V2 F . -10.50 14.18 15.61
C12 1V2 F . -10.29 12.80 15.66
C11 1V2 F . -10.36 12.04 14.49
N3 1V2 F . -9.86 10.79 14.39
C10 1V2 F . -10.96 12.49 13.36
S1 1V2 F . -10.82 11.29 12.19
C9 1V2 F . -10.02 10.21 13.20
N1 1V2 F . -9.62 8.99 12.79
C1 1V2 F . -9.01 8.04 13.52
C3 1V2 F . -9.32 6.72 13.21
C5 1V2 F . -8.72 5.67 13.89
C2 1V2 F . -8.06 8.30 14.51
C4 1V2 F . -7.46 7.26 15.20
C6 1V2 F . -7.79 5.92 14.89
C7 1V2 F . -7.15 4.72 15.60
C8 1V2 F . -6.96 4.84 17.12
N2 1V2 F . -6.53 3.55 17.70
C22 1V2 F . -5.23 3.19 17.12
C21 1V2 F . -4.75 1.84 17.66
C20 1V2 F . -4.55 1.94 19.17
O2 1V2 F . -4.12 0.67 19.68
C19 1V2 F . -5.88 2.34 19.83
C18 1V2 F . -6.48 3.62 19.19
C23 1V2 F . -7.88 3.85 19.78
O1 1V2 F . -8.75 2.75 19.49
#